data_2BPQ
#
_entry.id   2BPQ
#
_cell.length_a   80.874
_cell.length_b   82.415
_cell.length_c   117.520
_cell.angle_alpha   90.00
_cell.angle_beta   90.00
_cell.angle_gamma   90.00
#
_symmetry.space_group_name_H-M   'P 21 21 21'
#
loop_
_entity.id
_entity.type
_entity.pdbx_description
1 polymer 'ANTHRANILATE PHOSPHORIBOSYLTRANSFERASE'
2 non-polymer BENZAMIDINE
3 non-polymer GLYCEROL
4 water water
#
_entity_poly.entity_id   1
_entity_poly.type   'polypeptide(L)'
_entity_poly.pdbx_seq_one_letter_code
;VALSAEGSSGGSRGGSPKAEAASVPSWPQILGRLTDNRDLARGQAAWAMDQIMTGNARPAQIAAFAVAMTMKAPTADEVG
ELAGVMLSHAHPLPADTVPDDAVDVVGTGGDGVNTVNLSTMAAIVVAAAGVPVVKHGNRAASSLSGGADTLEALGVRIDL
GPDLVARSLAEVGIGFCFAPRFHPSYRHAAAVRREIGVPTVFNLLGPLTNPARPRAGLIGCAFADLAEVMAGVFAARRSS
VLVVHGDDGLDELTTTTTSTIWRVAAGSVDKLTFDPAGFGFARAQLDQLAGGDAQANAAAVRAVLGGARGPVRDAVVLNA
AGAIVAHAGLSSRAEWLPAWEEGLRRASAAIDTGAAEQLLARWVRFGRQILAA
;
_entity_poly.pdbx_strand_id   A,B
#
# COMPACT_ATOMS: atom_id res chain seq x y z
N PRO A 25 3.81 17.03 12.02
CA PRO A 25 3.44 15.72 11.44
C PRO A 25 2.39 15.01 12.30
N SER A 26 1.53 14.20 11.67
CA SER A 26 0.49 13.45 12.38
C SER A 26 0.23 12.19 11.59
N TRP A 27 -0.38 11.20 12.23
CA TRP A 27 -0.76 9.96 11.51
C TRP A 27 -1.69 10.21 10.30
N PRO A 28 -2.79 10.97 10.48
CA PRO A 28 -3.63 11.24 9.31
C PRO A 28 -2.92 11.91 8.15
N GLN A 29 -2.04 12.88 8.43
CA GLN A 29 -1.29 13.54 7.40
C GLN A 29 -0.35 12.57 6.66
N ILE A 30 0.38 11.75 7.43
CA ILE A 30 1.33 10.78 6.84
C ILE A 30 0.61 9.65 6.07
N LEU A 31 -0.37 9.02 6.70
CA LEU A 31 -1.15 7.98 6.03
C LEU A 31 -1.88 8.50 4.80
N GLY A 32 -2.37 9.73 4.85
CA GLY A 32 -3.01 10.36 3.68
C GLY A 32 -2.07 10.58 2.51
N ARG A 33 -0.88 11.10 2.82
CA ARG A 33 0.15 11.30 1.81
C ARG A 33 0.46 9.98 1.11
N LEU A 34 0.60 8.91 1.89
CA LEU A 34 0.84 7.56 1.34
C LEU A 34 -0.27 7.04 0.43
N THR A 35 -1.52 7.19 0.86
CA THR A 35 -2.66 6.75 0.02
C THR A 35 -2.82 7.62 -1.23
N ASP A 36 -2.23 8.81 -1.21
CA ASP A 36 -2.21 9.71 -2.37
C ASP A 36 -1.12 9.35 -3.38
N ASN A 37 -0.42 8.24 -3.13
CA ASN A 37 0.74 7.82 -3.92
C ASN A 37 1.86 8.86 -3.96
N ARG A 38 2.09 9.54 -2.83
CA ARG A 38 3.22 10.45 -2.67
C ARG A 38 4.31 9.85 -1.75
N ASP A 39 5.55 10.33 -1.94
CA ASP A 39 6.63 10.06 -0.97
C ASP A 39 6.34 10.98 0.19
N LEU A 40 6.95 10.73 1.33
CA LEU A 40 6.72 11.50 2.53
C LEU A 40 7.60 12.76 2.51
N ALA A 41 7.21 13.76 3.29
CA ALA A 41 8.04 14.97 3.46
C ALA A 41 9.12 14.66 4.49
N ARG A 42 10.25 15.36 4.38
CA ARG A 42 11.31 15.22 5.36
CA ARG A 42 11.33 15.35 5.36
C ARG A 42 10.76 15.27 6.78
N GLY A 43 11.28 14.35 7.59
CA GLY A 43 10.91 14.23 9.01
C GLY A 43 9.73 13.33 9.32
N GLN A 44 8.94 13.02 8.30
CA GLN A 44 7.72 12.29 8.54
C GLN A 44 7.91 10.80 8.81
N ALA A 45 8.78 10.15 8.04
CA ALA A 45 9.14 8.76 8.34
C ALA A 45 9.73 8.62 9.75
N ALA A 46 10.65 9.50 10.14
CA ALA A 46 11.31 9.45 11.47
C ALA A 46 10.28 9.63 12.59
N TRP A 47 9.38 10.59 12.39
CA TRP A 47 8.28 10.86 13.35
C TRP A 47 7.45 9.63 13.58
N ALA A 48 6.99 9.04 12.48
CA ALA A 48 6.15 7.85 12.53
C ALA A 48 6.89 6.71 13.21
N MET A 49 8.15 6.46 12.80
CA MET A 49 8.93 5.35 13.37
C MET A 49 9.09 5.56 14.88
N ASP A 50 9.37 6.81 15.27
CA ASP A 50 9.60 7.09 16.69
C ASP A 50 8.32 7.03 17.50
N GLN A 51 7.20 7.44 16.91
CA GLN A 51 5.91 7.21 17.61
C GLN A 51 5.70 5.71 17.89
N ILE A 52 6.07 4.85 16.94
CA ILE A 52 5.96 3.41 17.12
C ILE A 52 6.89 2.93 18.23
N MET A 53 8.15 3.33 18.15
CA MET A 53 9.19 2.88 19.10
C MET A 53 9.00 3.44 20.52
N THR A 54 8.21 4.50 20.67
CA THR A 54 7.98 5.07 22.03
C THR A 54 6.61 4.70 22.61
N GLY A 55 5.91 3.83 21.89
CA GLY A 55 4.60 3.30 22.36
C GLY A 55 3.42 4.25 22.18
N ASN A 56 3.47 5.06 21.11
CA ASN A 56 2.39 6.01 20.82
C ASN A 56 1.65 5.70 19.52
N ALA A 57 1.40 4.43 19.23
CA ALA A 57 0.73 4.08 17.95
C ALA A 57 -0.20 2.94 18.16
N ARG A 58 -1.38 3.03 17.52
CA ARG A 58 -2.40 1.99 17.61
C ARG A 58 -2.02 0.88 16.64
N PRO A 59 -2.44 -0.36 16.92
CA PRO A 59 -2.12 -1.44 15.98
C PRO A 59 -2.46 -1.12 14.51
N ALA A 60 -3.61 -0.50 14.21
CA ALA A 60 -3.95 -0.13 12.81
C ALA A 60 -2.99 0.85 12.14
N GLN A 61 -2.50 1.82 12.91
CA GLN A 61 -1.53 2.80 12.44
C GLN A 61 -0.19 2.14 12.15
N ILE A 62 0.26 1.25 13.05
CA ILE A 62 1.52 0.53 12.83
C ILE A 62 1.47 -0.32 11.53
N ALA A 63 0.40 -1.11 11.41
CA ALA A 63 0.22 -2.02 10.29
C ALA A 63 0.04 -1.23 8.97
N ALA A 64 -0.84 -0.23 8.95
CA ALA A 64 -0.98 0.61 7.75
C ALA A 64 0.34 1.25 7.31
N PHE A 65 1.07 1.84 8.26
CA PHE A 65 2.31 2.52 7.92
C PHE A 65 3.36 1.50 7.42
N ALA A 66 3.55 0.39 8.15
CA ALA A 66 4.56 -0.59 7.74
C ALA A 66 4.23 -1.20 6.37
N VAL A 67 2.96 -1.57 6.14
CA VAL A 67 2.60 -2.11 4.81
C VAL A 67 2.78 -1.08 3.68
N ALA A 68 2.29 0.15 3.89
CA ALA A 68 2.43 1.24 2.90
C ALA A 68 3.89 1.47 2.54
N MET A 69 4.73 1.54 3.57
CA MET A 69 6.16 1.81 3.35
C MET A 69 6.88 0.60 2.70
N THR A 70 6.23 -0.56 2.69
CA THR A 70 6.77 -1.76 2.01
C THR A 70 6.29 -1.84 0.57
N MET A 71 5.12 -1.24 0.30
CA MET A 71 4.59 -1.24 -1.07
C MET A 71 5.17 -0.12 -1.95
N LYS A 72 5.35 1.07 -1.37
CA LYS A 72 5.94 2.22 -2.07
C LYS A 72 7.42 2.00 -2.40
N ALA A 73 7.84 2.42 -3.59
CA ALA A 73 9.28 2.41 -3.97
C ALA A 73 10.09 3.14 -2.91
N PRO A 74 11.19 2.53 -2.42
CA PRO A 74 11.90 3.18 -1.31
C PRO A 74 12.69 4.40 -1.76
N THR A 75 12.99 5.26 -0.80
CA THR A 75 13.83 6.43 -1.05
C THR A 75 14.92 6.50 0.02
N ALA A 76 16.07 7.06 -0.33
CA ALA A 76 17.16 7.15 0.62
C ALA A 76 16.79 8.04 1.79
N ASP A 77 16.09 9.14 1.53
CA ASP A 77 15.72 10.04 2.63
C ASP A 77 14.83 9.33 3.66
N GLU A 78 13.83 8.58 3.18
CA GLU A 78 12.91 7.89 4.07
C GLU A 78 13.58 6.71 4.81
N VAL A 79 14.33 5.89 4.07
CA VAL A 79 15.00 4.73 4.66
C VAL A 79 16.04 5.22 5.69
N GLY A 80 16.74 6.31 5.37
CA GLY A 80 17.69 6.94 6.31
C GLY A 80 17.01 7.32 7.63
N GLU A 81 15.81 7.90 7.51
CA GLU A 81 15.02 8.28 8.69
C GLU A 81 14.57 7.10 9.50
N LEU A 82 13.99 6.11 8.84
CA LEU A 82 13.52 4.91 9.55
C LEU A 82 14.66 4.24 10.27
N ALA A 83 15.77 4.02 9.55
CA ALA A 83 16.94 3.33 10.14
C ALA A 83 17.58 4.12 11.25
N GLY A 84 17.67 5.44 11.07
CA GLY A 84 18.28 6.29 12.11
C GLY A 84 17.50 6.23 13.42
N VAL A 85 16.17 6.24 13.33
CA VAL A 85 15.32 6.05 14.52
C VAL A 85 15.53 4.67 15.14
N MET A 86 15.44 3.62 14.32
CA MET A 86 15.67 2.27 14.85
C MET A 86 17.06 2.18 15.52
N LEU A 87 18.06 2.75 14.86
CA LEU A 87 19.42 2.66 15.40
C LEU A 87 19.52 3.46 16.72
N SER A 88 18.75 4.54 16.85
CA SER A 88 18.80 5.35 18.09
C SER A 88 18.29 4.58 19.33
N HIS A 89 17.43 3.62 19.10
CA HIS A 89 16.90 2.75 20.17
C HIS A 89 17.73 1.50 20.43
N ALA A 90 18.75 1.25 19.61
CA ALA A 90 19.60 0.06 19.76
C ALA A 90 20.53 0.18 20.96
N HIS A 91 20.90 -0.96 21.56
CA HIS A 91 21.91 -1.03 22.64
C HIS A 91 23.29 -0.90 22.01
N PRO A 92 24.08 0.11 22.40
CA PRO A 92 25.38 0.22 21.81
C PRO A 92 26.36 -0.72 22.49
N LEU A 93 27.52 -0.87 21.85
CA LEU A 93 28.63 -1.56 22.50
C LEU A 93 29.39 -0.53 23.34
N PRO A 94 30.16 -0.99 24.35
CA PRO A 94 30.93 -0.06 25.20
C PRO A 94 31.91 0.81 24.41
N ALA A 95 32.17 2.03 24.90
CA ALA A 95 33.12 2.94 24.25
C ALA A 95 34.46 2.26 24.01
N ASP A 96 35.06 2.57 22.86
CA ASP A 96 36.37 2.06 22.45
C ASP A 96 36.50 0.54 22.40
N THR A 97 35.44 -0.17 22.01
CA THR A 97 35.54 -1.62 21.90
C THR A 97 35.37 -2.15 20.47
N VAL A 98 34.92 -1.29 19.57
CA VAL A 98 34.76 -1.70 18.20
C VAL A 98 35.93 -1.11 17.42
N PRO A 99 36.81 -1.95 16.82
CA PRO A 99 37.91 -1.37 16.06
C PRO A 99 37.42 -0.43 14.96
N ASP A 100 38.22 0.62 14.68
CA ASP A 100 37.88 1.60 13.64
C ASP A 100 37.64 0.95 12.30
N ASP A 101 38.29 -0.19 12.10
CA ASP A 101 38.25 -0.88 10.80
C ASP A 101 37.32 -2.13 10.78
N ALA A 102 36.45 -2.28 11.79
CA ALA A 102 35.47 -3.38 11.80
C ALA A 102 34.52 -3.31 10.58
N VAL A 103 34.06 -4.49 10.13
CA VAL A 103 33.15 -4.58 8.97
C VAL A 103 31.94 -5.42 9.31
N ASP A 104 30.86 -5.18 8.58
CA ASP A 104 29.70 -6.08 8.61
C ASP A 104 29.83 -6.98 7.40
N VAL A 105 29.21 -8.17 7.47
CA VAL A 105 29.14 -9.10 6.35
C VAL A 105 27.74 -9.67 6.47
N VAL A 106 26.85 -9.33 5.54
CA VAL A 106 25.43 -9.66 5.75
C VAL A 106 24.71 -9.82 4.41
N GLY A 107 23.80 -10.80 4.32
CA GLY A 107 22.78 -10.80 3.26
C GLY A 107 21.40 -10.52 3.85
N THR A 108 20.63 -9.59 3.26
CA THR A 108 19.30 -9.23 3.83
C THR A 108 18.23 -10.33 3.71
N GLY A 109 18.35 -11.16 2.68
CA GLY A 109 17.31 -12.09 2.31
C GLY A 109 16.13 -11.32 1.77
N GLY A 110 14.98 -11.98 1.78
CA GLY A 110 13.74 -11.41 1.26
C GLY A 110 13.48 -12.02 -0.09
N ASP A 111 12.22 -12.04 -0.53
CA ASP A 111 11.88 -12.53 -1.88
C ASP A 111 12.19 -14.04 -2.08
N GLY A 112 12.13 -14.81 -1.00
CA GLY A 112 12.43 -16.24 -1.04
C GLY A 112 13.93 -16.57 -1.04
N VAL A 113 14.77 -15.55 -1.14
CA VAL A 113 16.24 -15.70 -1.15
C VAL A 113 16.76 -16.00 0.26
N ASN A 114 17.62 -17.03 0.40
CA ASN A 114 18.30 -17.25 1.66
C ASN A 114 19.72 -17.80 1.49
N THR A 115 20.70 -16.94 1.76
CA THR A 115 22.11 -17.30 1.64
C THR A 115 22.83 -17.20 2.98
N VAL A 116 22.11 -17.52 4.05
CA VAL A 116 22.71 -17.54 5.40
C VAL A 116 23.94 -18.47 5.46
N ASN A 117 23.95 -19.52 4.64
CA ASN A 117 25.10 -20.39 4.56
C ASN A 117 26.35 -19.64 4.09
N LEU A 118 26.23 -18.91 2.97
CA LEU A 118 27.33 -18.15 2.39
C LEU A 118 27.79 -17.06 3.31
N SER A 119 26.82 -16.31 3.82
CA SER A 119 27.11 -15.17 4.70
C SER A 119 27.84 -15.53 6.01
N THR A 120 27.37 -16.57 6.66
CA THR A 120 28.01 -17.09 7.87
C THR A 120 29.47 -17.49 7.60
N MET A 121 29.67 -18.28 6.53
CA MET A 121 31.01 -18.73 6.18
C MET A 121 31.94 -17.58 5.78
N ALA A 122 31.42 -16.62 5.01
CA ALA A 122 32.22 -15.47 4.61
C ALA A 122 32.65 -14.67 5.83
N ALA A 123 31.77 -14.53 6.81
CA ALA A 123 32.11 -13.70 7.97
C ALA A 123 33.24 -14.31 8.75
N ILE A 124 33.17 -15.61 8.97
CA ILE A 124 34.25 -16.33 9.70
C ILE A 124 35.57 -16.23 8.93
N VAL A 125 35.53 -16.40 7.61
CA VAL A 125 36.73 -16.31 6.74
C VAL A 125 37.35 -14.90 6.80
N VAL A 126 36.51 -13.88 6.69
CA VAL A 126 36.94 -12.48 6.80
C VAL A 126 37.61 -12.21 8.15
N ALA A 127 36.95 -12.64 9.22
CA ALA A 127 37.51 -12.46 10.57
C ALA A 127 38.84 -13.22 10.69
N ALA A 128 38.89 -14.44 10.13
CA ALA A 128 40.11 -15.27 10.17
C ALA A 128 41.26 -14.65 9.37
N ALA A 129 40.94 -13.84 8.36
CA ALA A 129 41.95 -13.10 7.60
C ALA A 129 42.48 -11.89 8.35
N GLY A 130 41.88 -11.60 9.50
CA GLY A 130 42.38 -10.50 10.37
C GLY A 130 41.59 -9.20 10.30
N VAL A 131 40.44 -9.23 9.63
CA VAL A 131 39.57 -8.04 9.53
C VAL A 131 38.45 -8.26 10.55
N PRO A 132 38.31 -7.36 11.54
CA PRO A 132 37.32 -7.60 12.61
C PRO A 132 35.92 -7.59 12.02
N VAL A 133 35.09 -8.55 12.41
CA VAL A 133 33.72 -8.61 11.91
C VAL A 133 32.73 -8.42 13.05
N VAL A 134 31.71 -7.56 12.85
CA VAL A 134 30.67 -7.45 13.84
C VAL A 134 29.32 -7.50 13.13
N LYS A 135 28.57 -8.56 13.43
CA LYS A 135 27.26 -8.81 12.83
C LYS A 135 26.15 -8.67 13.87
N HIS A 136 24.91 -8.48 13.41
CA HIS A 136 23.76 -8.62 14.30
C HIS A 136 22.74 -9.41 13.51
N GLY A 137 21.84 -10.09 14.23
CA GLY A 137 20.85 -10.91 13.56
C GLY A 137 20.03 -11.75 14.53
N ASN A 138 19.06 -12.47 13.97
CA ASN A 138 18.14 -13.27 14.78
C ASN A 138 18.13 -14.76 14.38
N ARG A 139 17.45 -15.59 15.17
CA ARG A 139 17.09 -16.93 14.73
C ARG A 139 16.21 -16.92 13.47
N ALA A 140 16.27 -18.02 12.72
CA ALA A 140 15.58 -18.21 11.45
C ALA A 140 14.06 -18.00 11.49
N ALA A 141 13.44 -18.38 12.61
CA ALA A 141 11.97 -18.26 12.79
C ALA A 141 11.53 -16.85 13.17
N SER A 142 12.51 -15.96 13.38
CA SER A 142 12.23 -14.58 13.82
C SER A 142 12.74 -13.52 12.83
N SER A 143 13.14 -13.94 11.65
CA SER A 143 13.73 -13.02 10.67
C SER A 143 13.79 -13.68 9.28
N LEU A 144 14.03 -12.87 8.24
CA LEU A 144 14.14 -13.40 6.88
C LEU A 144 15.40 -14.22 6.69
N SER A 145 16.53 -13.66 7.12
CA SER A 145 17.83 -14.31 6.91
C SER A 145 18.69 -14.35 8.16
N GLY A 146 18.06 -14.55 9.31
CA GLY A 146 18.81 -14.66 10.56
C GLY A 146 19.58 -15.96 10.61
N GLY A 147 20.88 -15.88 10.85
CA GLY A 147 21.71 -17.09 10.91
C GLY A 147 22.18 -17.45 12.29
N ALA A 148 21.52 -16.88 13.30
CA ALA A 148 21.84 -17.17 14.69
C ALA A 148 21.73 -18.67 14.99
N ASP A 149 20.76 -19.34 14.35
CA ASP A 149 20.54 -20.79 14.54
C ASP A 149 21.70 -21.61 13.98
N THR A 150 22.21 -21.18 12.84
CA THR A 150 23.37 -21.83 12.22
C THR A 150 24.60 -21.67 13.14
N LEU A 151 24.87 -20.45 13.61
CA LEU A 151 25.93 -20.27 14.61
C LEU A 151 25.76 -21.19 15.84
N GLU A 152 24.54 -21.30 16.33
CA GLU A 152 24.27 -22.06 17.54
C GLU A 152 24.50 -23.57 17.32
N ALA A 153 24.12 -24.05 16.13
CA ALA A 153 24.32 -25.43 15.68
C ALA A 153 25.81 -25.74 15.53
N LEU A 154 26.61 -24.69 15.31
CA LEU A 154 28.06 -24.82 15.31
C LEU A 154 28.67 -24.79 16.73
N GLY A 155 27.84 -24.48 17.72
CA GLY A 155 28.29 -24.43 19.11
C GLY A 155 28.62 -23.05 19.65
N VAL A 156 28.31 -22.01 18.88
CA VAL A 156 28.61 -20.62 19.24
C VAL A 156 27.52 -20.11 20.18
N ARG A 157 27.91 -19.37 21.21
CA ARG A 157 26.93 -18.81 22.16
C ARG A 157 26.42 -17.48 21.59
N ILE A 158 25.18 -17.46 21.12
CA ILE A 158 24.68 -16.30 20.35
C ILE A 158 24.08 -15.15 21.16
N ASP A 159 23.57 -15.43 22.35
CA ASP A 159 22.89 -14.40 23.13
C ASP A 159 23.81 -13.78 24.21
N LEU A 160 24.79 -12.99 23.76
CA LEU A 160 25.68 -12.26 24.67
C LEU A 160 25.32 -10.79 24.78
N GLY A 161 25.59 -10.24 25.96
CA GLY A 161 25.45 -8.83 26.24
C GLY A 161 26.54 -7.94 25.61
N PRO A 162 26.30 -6.63 25.56
CA PRO A 162 27.25 -5.72 24.89
C PRO A 162 28.69 -5.91 25.36
N ASP A 163 28.89 -6.06 26.66
CA ASP A 163 30.26 -6.27 27.17
C ASP A 163 30.90 -7.54 26.66
N LEU A 164 30.15 -8.63 26.60
CA LEU A 164 30.70 -9.89 26.14
C LEU A 164 30.87 -9.96 24.61
N VAL A 165 30.00 -9.27 23.87
CA VAL A 165 30.26 -9.08 22.41
C VAL A 165 31.57 -8.34 22.17
N ALA A 166 31.81 -7.28 22.96
CA ALA A 166 33.06 -6.51 22.90
C ALA A 166 34.28 -7.38 23.19
N ARG A 167 34.18 -8.22 24.23
CA ARG A 167 35.24 -9.19 24.51
C ARG A 167 35.41 -10.20 23.41
N SER A 168 34.32 -10.68 22.81
CA SER A 168 34.43 -11.63 21.71
C SER A 168 35.18 -11.01 20.54
N LEU A 169 34.88 -9.75 20.21
CA LEU A 169 35.62 -9.01 19.18
C LEU A 169 37.12 -8.97 19.42
N ALA A 170 37.51 -8.59 20.64
CA ALA A 170 38.92 -8.49 20.99
C ALA A 170 39.62 -9.85 21.03
N GLU A 171 38.97 -10.85 21.61
CA GLU A 171 39.61 -12.13 21.90
C GLU A 171 39.45 -13.22 20.84
N VAL A 172 38.43 -13.06 20.00
CA VAL A 172 38.19 -13.99 18.92
C VAL A 172 38.38 -13.32 17.54
N GLY A 173 38.12 -12.02 17.46
CA GLY A 173 38.10 -11.30 16.17
C GLY A 173 36.74 -11.13 15.47
N ILE A 174 35.67 -11.62 16.08
CA ILE A 174 34.32 -11.56 15.53
C ILE A 174 33.35 -11.46 16.70
N GLY A 175 32.30 -10.64 16.50
CA GLY A 175 31.26 -10.47 17.51
C GLY A 175 29.91 -10.60 16.83
N PHE A 176 28.93 -11.11 17.58
CA PHE A 176 27.59 -11.26 17.02
C PHE A 176 26.58 -10.69 18.01
N CYS A 177 25.83 -9.68 17.56
CA CYS A 177 24.82 -9.03 18.41
C CYS A 177 23.48 -9.66 18.15
N PHE A 178 22.95 -10.39 19.13
CA PHE A 178 21.71 -11.14 18.91
C PHE A 178 20.59 -10.08 18.91
N ALA A 179 19.76 -10.08 17.86
CA ALA A 179 18.83 -8.95 17.60
C ALA A 179 17.85 -8.67 18.75
N PRO A 180 17.19 -9.72 19.31
CA PRO A 180 16.28 -9.47 20.45
C PRO A 180 16.94 -8.81 21.66
N ARG A 181 18.23 -9.08 21.84
CA ARG A 181 19.06 -8.42 22.86
C ARG A 181 19.38 -6.95 22.54
N PHE A 182 19.62 -6.62 21.26
CA PHE A 182 20.17 -5.29 20.97
C PHE A 182 19.17 -4.32 20.38
N HIS A 183 18.02 -4.85 19.97
CA HIS A 183 16.97 -4.08 19.29
C HIS A 183 15.68 -4.26 20.07
N PRO A 184 15.27 -3.22 20.81
CA PRO A 184 14.01 -3.41 21.53
C PRO A 184 12.80 -3.57 20.64
N SER A 185 11.83 -4.34 21.10
CA SER A 185 10.58 -4.46 20.41
C SER A 185 9.75 -3.21 20.67
N TYR A 186 8.57 -3.14 20.07
CA TYR A 186 7.69 -1.99 20.30
C TYR A 186 6.30 -2.51 20.76
N ARG A 187 5.53 -1.65 21.40
CA ARG A 187 4.21 -2.01 21.83
C ARG A 187 3.38 -2.52 20.64
N HIS A 188 2.71 -3.66 20.83
CA HIS A 188 1.87 -4.29 19.77
C HIS A 188 2.64 -5.06 18.69
N ALA A 189 3.96 -5.11 18.78
CA ALA A 189 4.79 -5.80 17.80
C ALA A 189 4.35 -7.26 17.53
N ALA A 190 4.09 -8.01 18.59
CA ALA A 190 3.74 -9.43 18.49
C ALA A 190 2.41 -9.60 17.77
N ALA A 191 1.41 -8.82 18.17
CA ALA A 191 0.07 -8.88 17.57
C ALA A 191 0.12 -8.48 16.09
N VAL A 192 0.85 -7.40 15.78
CA VAL A 192 0.97 -6.94 14.38
C VAL A 192 1.66 -8.02 13.54
N ARG A 193 2.80 -8.53 14.03
CA ARG A 193 3.55 -9.59 13.34
C ARG A 193 2.66 -10.79 12.97
N ARG A 194 1.91 -11.26 13.97
CA ARG A 194 0.98 -12.38 13.87
C ARG A 194 -0.16 -12.14 12.88
N GLU A 195 -0.67 -10.91 12.87
CA GLU A 195 -1.87 -10.57 12.13
C GLU A 195 -1.61 -10.28 10.65
N ILE A 196 -0.49 -9.64 10.35
CA ILE A 196 -0.10 -9.32 8.99
C ILE A 196 0.62 -10.51 8.38
N GLY A 197 1.52 -11.11 9.17
CA GLY A 197 2.22 -12.36 8.84
C GLY A 197 3.14 -12.36 7.62
N VAL A 198 3.66 -11.19 7.25
CA VAL A 198 4.61 -11.04 6.16
C VAL A 198 5.68 -10.06 6.60
N PRO A 199 6.89 -10.17 6.03
CA PRO A 199 7.91 -9.15 6.36
C PRO A 199 7.49 -7.77 5.83
N THR A 200 7.97 -6.72 6.49
CA THR A 200 7.78 -5.35 6.03
C THR A 200 9.14 -4.69 5.90
N VAL A 201 9.16 -3.45 5.46
CA VAL A 201 10.43 -2.71 5.35
C VAL A 201 11.09 -2.63 6.75
N PHE A 202 10.31 -2.73 7.83
CA PHE A 202 10.90 -2.79 9.22
C PHE A 202 11.93 -3.94 9.37
N ASN A 203 11.75 -4.99 8.58
CA ASN A 203 12.62 -6.19 8.65
C ASN A 203 13.75 -6.19 7.65
N LEU A 204 13.85 -5.13 6.85
CA LEU A 204 14.76 -5.08 5.73
C LEU A 204 15.94 -4.13 5.91
N LEU A 205 15.93 -3.41 7.02
CA LEU A 205 16.88 -2.31 7.22
C LEU A 205 18.05 -2.70 8.13
N GLY A 206 18.19 -4.00 8.42
CA GLY A 206 19.27 -4.47 9.30
C GLY A 206 20.66 -3.90 8.98
N PRO A 207 21.10 -3.92 7.69
CA PRO A 207 22.43 -3.36 7.35
C PRO A 207 22.66 -1.93 7.87
N LEU A 208 21.58 -1.15 8.00
CA LEU A 208 21.69 0.24 8.46
C LEU A 208 21.45 0.42 9.98
N THR A 209 21.17 -0.67 10.68
CA THR A 209 20.89 -0.59 12.12
C THR A 209 21.85 -1.41 13.00
N ASN A 210 22.99 -1.79 12.43
CA ASN A 210 23.97 -2.59 13.17
C ASN A 210 24.41 -1.80 14.40
N PRO A 211 24.16 -2.36 15.62
CA PRO A 211 24.43 -1.59 16.85
C PRO A 211 25.87 -1.22 17.08
N ALA A 212 26.81 -1.94 16.46
CA ALA A 212 28.22 -1.63 16.59
C ALA A 212 28.68 -0.59 15.57
N ARG A 213 27.78 -0.20 14.68
CA ARG A 213 28.05 0.88 13.71
C ARG A 213 29.37 0.76 12.92
N PRO A 214 29.68 -0.45 12.42
CA PRO A 214 30.93 -0.58 11.66
C PRO A 214 30.88 0.34 10.44
N ARG A 215 32.02 0.90 10.04
CA ARG A 215 32.07 1.89 8.98
C ARG A 215 32.29 1.28 7.60
N ALA A 216 32.40 -0.06 7.54
CA ALA A 216 32.62 -0.77 6.26
C ALA A 216 31.82 -2.06 6.24
N GLY A 217 31.63 -2.61 5.05
CA GLY A 217 30.89 -3.86 4.99
C GLY A 217 30.63 -4.34 3.61
N LEU A 218 30.27 -5.63 3.53
CA LEU A 218 29.68 -6.21 2.35
C LEU A 218 28.23 -6.47 2.68
N ILE A 219 27.36 -5.82 1.94
CA ILE A 219 25.93 -5.84 2.25
C ILE A 219 25.20 -6.42 1.04
N GLY A 220 24.67 -7.63 1.17
CA GLY A 220 23.91 -8.23 0.12
C GLY A 220 22.42 -7.97 0.30
N CYS A 221 21.75 -7.63 -0.80
CA CYS A 221 20.35 -7.28 -0.75
C CYS A 221 19.59 -7.96 -1.90
N ALA A 222 18.42 -8.56 -1.59
CA ALA A 222 17.62 -9.30 -2.57
C ALA A 222 16.77 -8.40 -3.47
N PHE A 223 16.63 -7.13 -3.07
CA PHE A 223 15.80 -6.17 -3.77
C PHE A 223 16.74 -5.10 -4.27
N ALA A 224 16.93 -5.05 -5.60
CA ALA A 224 17.84 -4.06 -6.20
C ALA A 224 17.44 -2.63 -5.92
N ASP A 225 16.12 -2.34 -5.87
CA ASP A 225 15.72 -0.98 -5.58
C ASP A 225 16.14 -0.53 -4.19
N LEU A 226 15.96 -1.41 -3.22
CA LEU A 226 16.33 -1.06 -1.84
C LEU A 226 17.86 -1.04 -1.68
N ALA A 227 18.55 -1.95 -2.35
CA ALA A 227 20.05 -1.94 -2.39
C ALA A 227 20.58 -0.58 -2.82
N GLU A 228 20.04 -0.04 -3.91
CA GLU A 228 20.53 1.22 -4.41
C GLU A 228 20.28 2.36 -3.42
N VAL A 229 19.10 2.31 -2.80
CA VAL A 229 18.72 3.27 -1.79
C VAL A 229 19.61 3.16 -0.55
N MET A 230 19.85 1.94 -0.07
CA MET A 230 20.72 1.79 1.08
C MET A 230 22.14 2.26 0.77
N ALA A 231 22.61 2.06 -0.46
CA ALA A 231 23.95 2.57 -0.85
C ALA A 231 24.03 4.08 -0.65
N GLY A 232 22.95 4.77 -1.00
CA GLY A 232 22.90 6.22 -0.86
C GLY A 232 22.96 6.59 0.59
N VAL A 233 22.30 5.84 1.44
CA VAL A 233 22.31 6.17 2.86
C VAL A 233 23.74 5.96 3.41
N PHE A 234 24.34 4.82 3.09
CA PHE A 234 25.72 4.55 3.52
C PHE A 234 26.71 5.62 3.01
N ALA A 235 26.52 6.05 1.78
CA ALA A 235 27.35 7.11 1.19
C ALA A 235 27.33 8.39 2.06
N ALA A 236 26.15 8.79 2.50
CA ALA A 236 26.00 10.00 3.31
C ALA A 236 26.56 9.80 4.70
N ARG A 237 26.68 8.54 5.13
CA ARG A 237 27.34 8.17 6.38
C ARG A 237 28.89 8.14 6.31
N ARG A 238 29.44 8.36 5.12
CA ARG A 238 30.87 8.25 4.87
C ARG A 238 31.41 6.80 5.03
N SER A 239 30.53 5.81 4.82
CA SER A 239 30.93 4.40 4.94
C SER A 239 31.68 3.91 3.71
N SER A 240 32.47 2.86 3.89
CA SER A 240 33.10 2.17 2.73
C SER A 240 32.44 0.81 2.65
N VAL A 241 31.49 0.70 1.73
CA VAL A 241 30.66 -0.48 1.65
CA VAL A 241 30.72 -0.52 1.63
C VAL A 241 30.52 -0.94 0.19
N LEU A 242 30.46 -2.25 0.01
CA LEU A 242 30.01 -2.81 -1.27
C LEU A 242 28.61 -3.33 -1.01
N VAL A 243 27.63 -2.62 -1.55
CA VAL A 243 26.26 -3.16 -1.57
C VAL A 243 26.11 -4.01 -2.82
N VAL A 244 25.61 -5.25 -2.68
CA VAL A 244 25.68 -6.19 -3.79
C VAL A 244 24.34 -6.88 -4.03
N HIS A 245 24.12 -7.21 -5.30
CA HIS A 245 22.94 -7.90 -5.72
C HIS A 245 23.29 -8.74 -6.97
N GLY A 246 23.17 -10.06 -6.83
CA GLY A 246 23.39 -10.99 -7.96
C GLY A 246 22.35 -10.79 -9.03
N ASP A 247 22.73 -10.85 -10.32
CA ASP A 247 21.75 -10.63 -11.41
C ASP A 247 20.82 -11.84 -11.57
N ASP A 248 21.09 -12.86 -10.77
CA ASP A 248 20.21 -14.01 -10.61
C ASP A 248 19.29 -13.83 -9.40
N GLY A 249 19.34 -12.65 -8.77
CA GLY A 249 18.47 -12.35 -7.62
C GLY A 249 19.12 -12.51 -6.26
N LEU A 250 20.33 -13.09 -6.24
CA LEU A 250 20.95 -13.41 -4.95
C LEU A 250 21.25 -12.16 -4.14
N ASP A 251 21.14 -12.30 -2.83
CA ASP A 251 21.56 -11.23 -1.94
C ASP A 251 23.05 -11.39 -1.51
N GLU A 252 23.91 -11.70 -2.49
CA GLU A 252 25.37 -11.81 -2.30
C GLU A 252 25.99 -11.56 -3.68
N LEU A 253 27.31 -11.45 -3.76
CA LEU A 253 27.98 -11.57 -5.07
C LEU A 253 27.80 -13.02 -5.55
N THR A 254 27.28 -13.18 -6.76
CA THR A 254 26.97 -14.53 -7.18
C THR A 254 28.10 -15.06 -8.08
N THR A 255 28.13 -16.39 -8.24
CA THR A 255 29.06 -17.11 -9.14
C THR A 255 28.35 -17.70 -10.37
N THR A 256 27.07 -17.38 -10.48
CA THR A 256 26.13 -17.93 -11.44
C THR A 256 26.10 -17.10 -12.71
N THR A 257 26.48 -15.83 -12.54
CA THR A 257 26.30 -14.77 -13.50
C THR A 257 26.97 -13.50 -12.92
N THR A 258 26.71 -12.37 -13.56
CA THR A 258 27.18 -11.07 -13.13
C THR A 258 26.42 -10.59 -11.86
N SER A 259 26.95 -9.55 -11.22
CA SER A 259 26.31 -8.92 -10.07
C SER A 259 26.34 -7.41 -10.27
N THR A 260 25.38 -6.73 -9.66
CA THR A 260 25.49 -5.30 -9.53
C THR A 260 26.14 -5.02 -8.20
N ILE A 261 27.13 -4.13 -8.22
CA ILE A 261 27.74 -3.59 -7.02
C ILE A 261 27.54 -2.09 -6.98
N TRP A 262 27.00 -1.61 -5.85
CA TRP A 262 27.02 -0.19 -5.57
C TRP A 262 28.20 0.01 -4.65
N ARG A 263 29.27 0.52 -5.23
CA ARG A 263 30.54 0.69 -4.51
C ARG A 263 30.54 2.07 -3.86
N VAL A 264 30.44 2.08 -2.54
CA VAL A 264 30.28 3.32 -1.78
C VAL A 264 31.59 3.69 -1.09
N ALA A 265 32.10 4.89 -1.35
CA ALA A 265 33.26 5.39 -0.59
C ALA A 265 33.41 6.88 -0.80
N ALA A 266 33.94 7.56 0.22
CA ALA A 266 34.13 9.02 0.24
C ALA A 266 32.88 9.75 -0.25
N GLY A 267 31.73 9.26 0.18
CA GLY A 267 30.46 9.93 -0.02
C GLY A 267 29.77 9.79 -1.34
N SER A 268 30.30 8.96 -2.25
CA SER A 268 29.62 8.77 -3.53
C SER A 268 29.34 7.29 -3.81
N VAL A 269 28.42 7.05 -4.73
CA VAL A 269 28.02 5.70 -5.11
C VAL A 269 28.52 5.45 -6.54
N ASP A 270 29.29 4.38 -6.72
CA ASP A 270 29.80 3.95 -8.03
C ASP A 270 29.09 2.65 -8.36
N LYS A 271 28.04 2.73 -9.17
CA LYS A 271 27.27 1.55 -9.55
C LYS A 271 27.87 0.87 -10.78
N LEU A 272 28.27 -0.39 -10.64
CA LEU A 272 28.96 -1.14 -11.71
C LEU A 272 28.45 -2.53 -11.86
N THR A 273 28.68 -3.12 -13.03
CA THR A 273 28.48 -4.56 -13.21
C THR A 273 29.80 -5.31 -12.96
N PHE A 274 29.71 -6.44 -12.29
CA PHE A 274 30.84 -7.20 -11.79
C PHE A 274 30.70 -8.60 -12.32
N ASP A 275 31.80 -9.16 -12.83
CA ASP A 275 31.78 -10.53 -13.32
C ASP A 275 32.96 -11.28 -12.77
N PRO A 276 32.70 -12.26 -11.89
CA PRO A 276 33.79 -12.99 -11.23
C PRO A 276 34.66 -13.84 -12.17
N ALA A 277 34.18 -14.09 -13.38
CA ALA A 277 35.00 -14.75 -14.41
C ALA A 277 36.27 -13.95 -14.71
N GLY A 278 36.24 -12.62 -14.50
CA GLY A 278 37.41 -11.77 -14.61
C GLY A 278 38.53 -12.12 -13.63
N PHE A 279 38.20 -12.87 -12.58
CA PHE A 279 39.18 -13.29 -11.56
C PHE A 279 39.37 -14.81 -11.64
N GLY A 280 38.86 -15.39 -12.73
CA GLY A 280 38.96 -16.82 -12.98
C GLY A 280 37.95 -17.73 -12.31
N PHE A 281 36.81 -17.19 -11.87
CA PHE A 281 35.80 -18.02 -11.22
C PHE A 281 34.93 -18.71 -12.26
N ALA A 282 34.82 -20.03 -12.15
CA ALA A 282 33.92 -20.84 -12.97
C ALA A 282 32.48 -20.51 -12.65
N ARG A 283 31.64 -20.48 -13.69
CA ARG A 283 30.20 -20.33 -13.54
C ARG A 283 29.61 -21.55 -12.80
N ALA A 284 28.82 -21.31 -11.78
CA ALA A 284 28.08 -22.38 -11.09
C ALA A 284 26.60 -22.29 -11.38
N GLN A 285 25.85 -23.31 -10.94
CA GLN A 285 24.39 -23.30 -11.02
C GLN A 285 23.84 -22.87 -9.68
N LEU A 286 22.71 -22.18 -9.70
CA LEU A 286 22.15 -21.57 -8.49
C LEU A 286 21.87 -22.60 -7.40
N ASP A 287 21.31 -23.75 -7.81
CA ASP A 287 21.07 -24.87 -6.90
C ASP A 287 22.31 -25.34 -6.14
N GLN A 288 23.46 -25.33 -6.81
CA GLN A 288 24.70 -25.77 -6.16
C GLN A 288 25.07 -24.91 -4.94
N LEU A 289 24.49 -23.70 -4.84
CA LEU A 289 24.83 -22.74 -3.78
C LEU A 289 23.85 -22.77 -2.62
N ALA A 290 22.79 -23.59 -2.76
CA ALA A 290 21.65 -23.59 -1.85
C ALA A 290 22.01 -23.94 -0.41
N GLY A 291 21.41 -23.23 0.55
CA GLY A 291 21.52 -23.56 1.98
C GLY A 291 20.49 -24.60 2.39
N GLY A 292 20.42 -24.90 3.69
CA GLY A 292 19.41 -25.78 4.25
C GLY A 292 19.10 -25.36 5.67
N ASP A 293 18.75 -26.30 6.53
CA ASP A 293 18.45 -25.95 7.92
C ASP A 293 19.76 -25.72 8.69
N ALA A 294 19.65 -25.41 9.98
CA ALA A 294 20.83 -25.11 10.81
C ALA A 294 21.87 -26.24 10.86
N GLN A 295 21.40 -27.49 10.92
CA GLN A 295 22.32 -28.63 10.93
C GLN A 295 23.00 -28.84 9.57
N ALA A 296 22.28 -28.59 8.47
CA ALA A 296 22.83 -28.72 7.12
C ALA A 296 23.86 -27.63 6.85
N ASN A 297 23.52 -26.42 7.26
CA ASN A 297 24.43 -25.30 7.23
C ASN A 297 25.69 -25.56 8.07
N ALA A 298 25.52 -26.08 9.29
CA ALA A 298 26.67 -26.36 10.15
C ALA A 298 27.59 -27.43 9.56
N ALA A 299 27.00 -28.46 8.94
CA ALA A 299 27.80 -29.48 8.22
C ALA A 299 28.57 -28.86 7.07
N ALA A 300 27.94 -27.99 6.29
CA ALA A 300 28.60 -27.31 5.17
C ALA A 300 29.72 -26.34 5.62
N VAL A 301 29.51 -25.59 6.70
CA VAL A 301 30.59 -24.75 7.27
C VAL A 301 31.85 -25.59 7.60
N ARG A 302 31.68 -26.69 8.32
CA ARG A 302 32.80 -27.56 8.73
C ARG A 302 33.56 -28.07 7.51
N ALA A 303 32.81 -28.49 6.49
CA ALA A 303 33.39 -28.99 5.24
C ALA A 303 34.20 -27.90 4.53
N VAL A 304 33.59 -26.72 4.35
CA VAL A 304 34.23 -25.65 3.59
C VAL A 304 35.50 -25.19 4.32
N LEU A 305 35.38 -25.00 5.64
CA LEU A 305 36.50 -24.58 6.48
C LEU A 305 37.60 -25.64 6.59
N GLY A 306 37.22 -26.91 6.40
CA GLY A 306 38.17 -28.03 6.31
C GLY A 306 38.88 -28.14 4.96
N GLY A 307 38.54 -27.26 4.01
CA GLY A 307 39.22 -27.22 2.70
C GLY A 307 38.48 -27.81 1.51
N ALA A 308 37.24 -28.25 1.74
CA ALA A 308 36.40 -28.85 0.69
C ALA A 308 36.17 -27.88 -0.48
N ARG A 309 36.55 -28.31 -1.68
CA ARG A 309 36.49 -27.44 -2.85
C ARG A 309 35.16 -27.55 -3.59
N GLY A 310 34.86 -26.57 -4.43
CA GLY A 310 33.62 -26.58 -5.17
C GLY A 310 32.95 -25.22 -5.24
N PRO A 311 31.70 -25.20 -5.76
CA PRO A 311 30.90 -23.98 -5.90
C PRO A 311 30.67 -23.20 -4.57
N VAL A 312 30.40 -23.90 -3.48
CA VAL A 312 30.13 -23.20 -2.22
C VAL A 312 31.39 -22.45 -1.75
N ARG A 313 32.50 -23.16 -1.60
CA ARG A 313 33.77 -22.50 -1.32
C ARG A 313 34.02 -21.28 -2.22
N ASP A 314 33.88 -21.43 -3.54
CA ASP A 314 34.08 -20.30 -4.46
C ASP A 314 33.26 -19.06 -4.10
N ALA A 315 31.96 -19.26 -3.85
CA ALA A 315 31.05 -18.17 -3.48
C ALA A 315 31.45 -17.50 -2.15
N VAL A 316 31.84 -18.32 -1.17
CA VAL A 316 32.31 -17.84 0.14
C VAL A 316 33.55 -16.98 -0.05
N VAL A 317 34.53 -17.50 -0.80
CA VAL A 317 35.75 -16.75 -1.08
C VAL A 317 35.46 -15.42 -1.77
N LEU A 318 34.58 -15.45 -2.78
CA LEU A 318 34.27 -14.27 -3.56
C LEU A 318 33.68 -13.18 -2.63
N ASN A 319 32.78 -13.59 -1.75
CA ASN A 319 32.09 -12.66 -0.85
C ASN A 319 32.97 -12.18 0.31
N ALA A 320 33.76 -13.10 0.88
CA ALA A 320 34.78 -12.69 1.86
C ALA A 320 35.73 -11.68 1.24
N ALA A 321 36.22 -11.95 0.04
CA ALA A 321 37.10 -10.99 -0.61
C ALA A 321 36.41 -9.62 -0.82
N GLY A 322 35.12 -9.63 -1.16
CA GLY A 322 34.30 -8.40 -1.26
C GLY A 322 34.31 -7.59 0.04
N ALA A 323 34.17 -8.26 1.16
CA ALA A 323 34.26 -7.58 2.46
C ALA A 323 35.63 -6.97 2.75
N ILE A 324 36.68 -7.71 2.36
CA ILE A 324 38.06 -7.25 2.51
C ILE A 324 38.31 -6.02 1.62
N VAL A 325 37.79 -6.04 0.39
CA VAL A 325 37.81 -4.87 -0.47
C VAL A 325 37.11 -3.66 0.17
N ALA A 326 35.91 -3.88 0.74
CA ALA A 326 35.22 -2.79 1.49
C ALA A 326 36.13 -2.28 2.59
N HIS A 327 36.75 -3.21 3.31
CA HIS A 327 37.70 -2.86 4.38
C HIS A 327 38.88 -1.98 3.80
N ALA A 328 39.40 -2.37 2.64
CA ALA A 328 40.54 -1.62 2.03
C ALA A 328 40.14 -0.17 1.67
N GLY A 329 38.88 0.01 1.30
CA GLY A 329 38.35 1.31 0.94
C GLY A 329 38.20 2.30 2.08
N LEU A 330 38.50 1.86 3.30
CA LEU A 330 38.60 2.81 4.42
C LEU A 330 39.85 3.69 4.28
N SER A 331 40.74 3.31 3.38
CA SER A 331 41.85 4.18 2.99
C SER A 331 41.59 4.74 1.59
N SER A 332 41.68 6.06 1.44
CA SER A 332 41.36 6.73 0.17
C SER A 332 42.30 6.36 -0.99
N ARG A 333 43.42 5.72 -0.67
CA ARG A 333 44.34 5.36 -1.72
C ARG A 333 44.12 3.95 -2.29
N ALA A 334 43.06 3.26 -1.85
CA ALA A 334 42.78 1.89 -2.34
C ALA A 334 42.55 1.86 -3.85
N GLU A 335 43.12 0.85 -4.51
CA GLU A 335 42.88 0.60 -5.92
C GLU A 335 42.05 -0.67 -6.11
N TRP A 336 41.03 -0.62 -6.96
CA TRP A 336 40.01 -1.69 -7.06
C TRP A 336 40.54 -3.10 -7.41
N LEU A 337 41.23 -3.21 -8.55
CA LEU A 337 41.74 -4.52 -8.94
C LEU A 337 42.78 -5.11 -7.96
N PRO A 338 43.79 -4.33 -7.57
CA PRO A 338 44.76 -4.78 -6.53
C PRO A 338 44.05 -5.16 -5.20
N ALA A 339 43.03 -4.40 -4.81
CA ALA A 339 42.24 -4.70 -3.57
C ALA A 339 41.54 -6.07 -3.68
N TRP A 340 40.91 -6.32 -4.82
CA TRP A 340 40.32 -7.64 -5.14
C TRP A 340 41.32 -8.80 -5.14
N GLU A 341 42.42 -8.60 -5.82
CA GLU A 341 43.53 -9.57 -5.82
C GLU A 341 43.97 -9.92 -4.39
N GLU A 342 44.28 -8.91 -3.63
CA GLU A 342 44.63 -9.12 -2.21
C GLU A 342 43.49 -9.75 -1.39
N GLY A 343 42.25 -9.29 -1.58
CA GLY A 343 41.11 -9.86 -0.84
C GLY A 343 40.92 -11.32 -1.19
N LEU A 344 41.09 -11.65 -2.46
CA LEU A 344 40.91 -13.07 -2.86
C LEU A 344 42.05 -13.93 -2.32
N ARG A 345 43.28 -13.40 -2.37
CA ARG A 345 44.41 -14.12 -1.74
C ARG A 345 44.16 -14.33 -0.23
N ARG A 346 43.77 -13.28 0.47
CA ARG A 346 43.61 -13.37 1.93
C ARG A 346 42.50 -14.29 2.31
N ALA A 347 41.43 -14.28 1.53
CA ALA A 347 40.29 -15.12 1.87
C ALA A 347 40.61 -16.58 1.64
N SER A 348 41.26 -16.89 0.50
CA SER A 348 41.66 -18.28 0.21
C SER A 348 42.64 -18.77 1.26
N ALA A 349 43.65 -17.96 1.55
CA ALA A 349 44.64 -18.34 2.56
C ALA A 349 44.00 -18.54 3.95
N ALA A 350 43.02 -17.71 4.33
CA ALA A 350 42.38 -17.91 5.62
C ALA A 350 41.80 -19.33 5.74
N ILE A 351 41.23 -19.84 4.65
CA ILE A 351 40.73 -21.22 4.64
C ILE A 351 41.92 -22.20 4.63
N ASP A 352 42.80 -22.02 3.66
CA ASP A 352 43.84 -23.03 3.35
C ASP A 352 44.81 -23.25 4.52
N THR A 353 45.09 -22.16 5.26
CA THR A 353 46.08 -22.23 6.35
C THR A 353 45.42 -22.77 7.62
N GLY A 354 44.11 -23.03 7.55
CA GLY A 354 43.35 -23.51 8.72
C GLY A 354 42.93 -22.38 9.65
N ALA A 355 43.27 -21.13 9.32
CA ALA A 355 42.93 -19.99 10.18
C ALA A 355 41.42 -19.89 10.45
N ALA A 356 40.59 -20.15 9.44
CA ALA A 356 39.11 -20.04 9.61
C ALA A 356 38.59 -21.10 10.54
N GLU A 357 39.01 -22.35 10.30
CA GLU A 357 38.66 -23.48 11.16
C GLU A 357 39.12 -23.22 12.60
N GLN A 358 40.34 -22.69 12.75
CA GLN A 358 40.89 -22.38 14.08
C GLN A 358 40.08 -21.27 14.78
N LEU A 359 39.64 -20.28 14.02
CA LEU A 359 38.86 -19.15 14.59
C LEU A 359 37.53 -19.61 15.11
N LEU A 360 36.85 -20.44 14.33
CA LEU A 360 35.58 -21.02 14.74
C LEU A 360 35.69 -21.80 16.05
N ALA A 361 36.69 -22.69 16.12
CA ALA A 361 37.04 -23.43 17.36
C ALA A 361 37.21 -22.49 18.53
N ARG A 362 37.98 -21.42 18.32
CA ARG A 362 38.26 -20.44 19.36
C ARG A 362 36.97 -19.72 19.77
N TRP A 363 36.13 -19.41 18.78
CA TRP A 363 34.83 -18.79 19.04
C TRP A 363 33.93 -19.68 19.89
N VAL A 364 33.92 -20.98 19.57
CA VAL A 364 33.21 -21.98 20.41
C VAL A 364 33.77 -22.01 21.86
N ARG A 365 35.09 -22.14 22.00
CA ARG A 365 35.76 -22.05 23.32
C ARG A 365 35.40 -20.79 24.11
N PHE A 366 35.37 -19.64 23.41
CA PHE A 366 35.10 -18.37 24.07
C PHE A 366 33.79 -18.35 24.86
N GLY A 367 32.74 -18.91 24.27
CA GLY A 367 31.43 -18.88 24.90
C GLY A 367 31.33 -19.80 26.11
N ARG A 368 32.30 -20.70 26.25
CA ARG A 368 32.32 -21.67 27.34
C ARG A 368 33.20 -21.24 28.52
N GLN A 369 33.98 -20.27 28.52
N PRO B 25 -7.30 -18.65 0.47
CA PRO B 25 -6.77 -17.30 0.71
C PRO B 25 -6.49 -17.10 2.19
N SER B 26 -5.46 -16.34 2.51
CA SER B 26 -5.18 -15.95 3.89
C SER B 26 -4.63 -14.53 3.86
N TRP B 27 -4.62 -13.88 5.01
CA TRP B 27 -4.03 -12.55 5.09
C TRP B 27 -2.57 -12.46 4.66
N PRO B 28 -1.69 -13.39 5.13
CA PRO B 28 -0.29 -13.34 4.66
C PRO B 28 -0.12 -13.44 3.15
N GLN B 29 -0.85 -14.36 2.53
CA GLN B 29 -0.83 -14.55 1.11
C GLN B 29 -1.26 -13.27 0.39
N ILE B 30 -2.33 -12.65 0.89
CA ILE B 30 -2.91 -11.44 0.28
C ILE B 30 -2.03 -10.23 0.49
N LEU B 31 -1.67 -9.98 1.76
CA LEU B 31 -0.81 -8.83 2.07
C LEU B 31 0.58 -8.97 1.43
N GLY B 32 1.12 -10.18 1.40
CA GLY B 32 2.39 -10.44 0.72
C GLY B 32 2.34 -10.11 -0.76
N ARG B 33 1.24 -10.48 -1.41
CA ARG B 33 1.06 -10.16 -2.82
C ARG B 33 1.03 -8.64 -3.09
N LEU B 34 0.31 -7.93 -2.23
CA LEU B 34 0.20 -6.49 -2.30
C LEU B 34 1.55 -5.81 -2.12
N THR B 35 2.31 -6.27 -1.11
CA THR B 35 3.61 -5.71 -0.80
CA THR B 35 3.62 -5.65 -0.84
C THR B 35 4.61 -5.99 -1.93
N ASP B 36 4.36 -7.08 -2.66
CA ASP B 36 5.13 -7.46 -3.84
C ASP B 36 4.76 -6.63 -5.08
N ASN B 37 3.86 -5.66 -4.89
CA ASN B 37 3.37 -4.84 -6.01
C ASN B 37 2.69 -5.63 -7.13
N ARG B 38 1.92 -6.65 -6.74
CA ARG B 38 1.15 -7.45 -7.68
C ARG B 38 -0.34 -7.13 -7.49
N ASP B 39 -1.16 -7.44 -8.49
CA ASP B 39 -2.62 -7.45 -8.31
C ASP B 39 -2.97 -8.75 -7.58
N LEU B 40 -4.16 -8.80 -6.97
CA LEU B 40 -4.64 -10.01 -6.29
C LEU B 40 -5.07 -11.10 -7.26
N ALA B 41 -4.96 -12.36 -6.82
CA ALA B 41 -5.50 -13.51 -7.52
C ALA B 41 -7.03 -13.45 -7.40
N ARG B 42 -7.73 -14.03 -8.38
CA ARG B 42 -9.19 -14.15 -8.33
C ARG B 42 -9.67 -14.75 -7.00
N GLY B 43 -10.72 -14.14 -6.43
CA GLY B 43 -11.25 -14.57 -5.13
C GLY B 43 -10.61 -13.95 -3.89
N GLN B 44 -9.42 -13.35 -4.04
CA GLN B 44 -8.72 -12.88 -2.84
C GLN B 44 -9.39 -11.63 -2.26
N ALA B 45 -9.71 -10.67 -3.11
CA ALA B 45 -10.46 -9.45 -2.67
C ALA B 45 -11.79 -9.81 -1.99
N ALA B 46 -12.54 -10.74 -2.60
CA ALA B 46 -13.81 -11.20 -2.01
C ALA B 46 -13.62 -11.81 -0.64
N TRP B 47 -12.63 -12.69 -0.51
CA TRP B 47 -12.36 -13.38 0.79
C TRP B 47 -12.01 -12.35 1.86
N ALA B 48 -11.04 -11.47 1.56
CA ALA B 48 -10.65 -10.39 2.48
C ALA B 48 -11.87 -9.54 2.90
N MET B 49 -12.66 -9.09 1.93
CA MET B 49 -13.84 -8.27 2.23
C MET B 49 -14.84 -9.04 3.09
N ASP B 50 -15.05 -10.32 2.79
CA ASP B 50 -16.00 -11.10 3.56
C ASP B 50 -15.52 -11.29 5.01
N GLN B 51 -14.22 -11.54 5.23
CA GLN B 51 -13.67 -11.60 6.61
C GLN B 51 -13.92 -10.34 7.41
N ILE B 52 -13.74 -9.19 6.76
CA ILE B 52 -13.98 -7.87 7.36
C ILE B 52 -15.46 -7.73 7.74
N MET B 53 -16.34 -8.05 6.81
CA MET B 53 -17.76 -7.80 6.97
C MET B 53 -18.39 -8.70 8.03
N THR B 54 -17.81 -9.88 8.22
CA THR B 54 -18.35 -10.85 9.18
C THR B 54 -17.74 -10.68 10.58
N GLY B 55 -16.86 -9.68 10.74
CA GLY B 55 -16.23 -9.37 12.02
C GLY B 55 -15.01 -10.19 12.37
N ASN B 56 -14.49 -10.91 11.38
CA ASN B 56 -13.40 -11.87 11.56
C ASN B 56 -12.00 -11.32 11.31
N ALA B 57 -11.90 -10.08 10.84
CA ALA B 57 -10.60 -9.45 10.59
C ALA B 57 -10.25 -8.58 11.79
N ARG B 58 -8.96 -8.46 12.10
CA ARG B 58 -8.48 -7.64 13.22
C ARG B 58 -8.19 -6.24 12.68
N PRO B 59 -8.27 -5.20 13.54
CA PRO B 59 -7.95 -3.82 13.10
C PRO B 59 -6.71 -3.70 12.17
N ALA B 60 -5.58 -4.31 12.53
CA ALA B 60 -4.35 -4.27 11.72
C ALA B 60 -4.54 -4.79 10.29
N GLN B 61 -5.24 -5.93 10.16
CA GLN B 61 -5.60 -6.53 8.88
C GLN B 61 -6.52 -5.64 8.07
N ILE B 62 -7.60 -5.14 8.69
CA ILE B 62 -8.50 -4.22 8.00
C ILE B 62 -7.72 -3.01 7.48
N ALA B 63 -6.91 -2.40 8.37
CA ALA B 63 -6.18 -1.16 8.03
C ALA B 63 -5.15 -1.36 6.94
N ALA B 64 -4.32 -2.40 7.08
CA ALA B 64 -3.31 -2.73 6.08
C ALA B 64 -3.94 -2.99 4.71
N PHE B 65 -5.02 -3.75 4.69
CA PHE B 65 -5.68 -4.11 3.45
C PHE B 65 -6.36 -2.90 2.79
N ALA B 66 -7.11 -2.13 3.60
CA ALA B 66 -7.74 -0.87 3.14
C ALA B 66 -6.74 0.13 2.57
N VAL B 67 -5.62 0.35 3.28
CA VAL B 67 -4.59 1.28 2.80
C VAL B 67 -3.94 0.74 1.51
N ALA B 68 -3.52 -0.52 1.54
CA ALA B 68 -2.95 -1.15 0.35
C ALA B 68 -3.84 -1.04 -0.89
N MET B 69 -5.14 -1.30 -0.71
CA MET B 69 -6.07 -1.30 -1.86
C MET B 69 -6.42 0.12 -2.37
N THR B 70 -6.07 1.13 -1.58
CA THR B 70 -6.20 2.55 -1.92
C THR B 70 -4.96 3.03 -2.63
N MET B 71 -3.81 2.46 -2.29
CA MET B 71 -2.55 2.81 -2.95
C MET B 71 -2.38 2.18 -4.33
N LYS B 72 -2.83 0.95 -4.48
CA LYS B 72 -2.63 0.21 -5.70
C LYS B 72 -3.67 0.70 -6.73
N ALA B 73 -3.28 0.78 -8.00
CA ALA B 73 -4.19 1.16 -9.08
C ALA B 73 -5.40 0.21 -9.06
N PRO B 74 -6.64 0.74 -9.19
CA PRO B 74 -7.78 -0.21 -9.11
C PRO B 74 -7.95 -1.09 -10.34
N THR B 75 -8.57 -2.26 -10.16
CA THR B 75 -8.97 -3.11 -11.30
C THR B 75 -10.45 -3.47 -11.15
N ALA B 76 -11.11 -3.72 -12.28
CA ALA B 76 -12.53 -4.12 -12.27
C ALA B 76 -12.77 -5.43 -11.56
N ASP B 77 -11.89 -6.40 -11.76
CA ASP B 77 -12.08 -7.71 -11.08
C ASP B 77 -12.07 -7.53 -9.56
N GLU B 78 -11.12 -6.77 -9.03
CA GLU B 78 -10.98 -6.62 -7.57
C GLU B 78 -12.11 -5.78 -6.96
N VAL B 79 -12.34 -4.61 -7.58
CA VAL B 79 -13.47 -3.77 -7.21
C VAL B 79 -14.84 -4.48 -7.30
N GLY B 80 -15.07 -5.23 -8.37
CA GLY B 80 -16.27 -6.08 -8.48
C GLY B 80 -16.41 -7.03 -7.30
N GLU B 81 -15.30 -7.63 -6.88
CA GLU B 81 -15.32 -8.56 -5.71
C GLU B 81 -15.64 -7.81 -4.44
N LEU B 82 -14.91 -6.73 -4.22
CA LEU B 82 -15.16 -5.91 -3.01
C LEU B 82 -16.63 -5.46 -2.94
N ALA B 83 -17.11 -4.86 -4.03
CA ALA B 83 -18.47 -4.32 -4.03
C ALA B 83 -19.50 -5.46 -3.94
N GLY B 84 -19.21 -6.58 -4.61
CA GLY B 84 -20.15 -7.71 -4.59
C GLY B 84 -20.36 -8.28 -3.20
N VAL B 85 -19.27 -8.44 -2.46
CA VAL B 85 -19.34 -8.91 -1.06
C VAL B 85 -20.04 -7.88 -0.15
N MET B 86 -19.67 -6.61 -0.27
CA MET B 86 -20.34 -5.55 0.50
C MET B 86 -21.85 -5.58 0.25
N LEU B 87 -22.22 -5.64 -1.03
CA LEU B 87 -23.61 -5.76 -1.42
C LEU B 87 -24.31 -7.00 -0.85
N SER B 88 -23.67 -8.16 -0.85
CA SER B 88 -24.28 -9.39 -0.32
C SER B 88 -24.63 -9.33 1.18
N HIS B 89 -23.95 -8.45 1.92
CA HIS B 89 -24.22 -8.32 3.36
C HIS B 89 -25.22 -7.21 3.70
N ALA B 90 -25.71 -6.51 2.68
CA ALA B 90 -26.70 -5.46 2.84
C ALA B 90 -28.12 -6.04 2.95
N HIS B 91 -29.01 -5.37 3.71
CA HIS B 91 -30.44 -5.75 3.69
C HIS B 91 -30.95 -5.40 2.29
N PRO B 92 -31.66 -6.32 1.62
CA PRO B 92 -32.27 -5.90 0.36
C PRO B 92 -33.63 -5.22 0.62
N LEU B 93 -34.22 -4.64 -0.41
CA LEU B 93 -35.61 -4.16 -0.32
C LEU B 93 -36.53 -5.40 -0.47
N PRO B 94 -37.78 -5.35 0.04
CA PRO B 94 -38.65 -6.54 -0.10
C PRO B 94 -38.89 -6.87 -1.57
N ALA B 95 -39.07 -8.14 -1.91
CA ALA B 95 -39.19 -8.54 -3.32
C ALA B 95 -40.23 -7.73 -4.11
N ASP B 96 -39.87 -7.32 -5.32
CA ASP B 96 -40.77 -6.61 -6.23
C ASP B 96 -41.18 -5.21 -5.73
N THR B 97 -40.35 -4.53 -4.94
CA THR B 97 -40.70 -3.16 -4.51
C THR B 97 -39.89 -2.07 -5.24
N VAL B 98 -38.86 -2.50 -5.95
CA VAL B 98 -38.05 -1.56 -6.73
C VAL B 98 -38.50 -1.63 -8.19
N PRO B 99 -39.00 -0.50 -8.74
CA PRO B 99 -39.36 -0.56 -10.15
C PRO B 99 -38.17 -1.01 -10.99
N ASP B 100 -38.44 -1.85 -11.97
CA ASP B 100 -37.41 -2.33 -12.87
C ASP B 100 -36.57 -1.20 -13.48
N ASP B 101 -37.12 -0.01 -13.50
CA ASP B 101 -36.48 1.10 -14.19
C ASP B 101 -35.98 2.17 -13.21
N ALA B 102 -35.74 1.78 -11.95
CA ALA B 102 -35.28 2.77 -10.95
C ALA B 102 -33.82 3.18 -11.28
N VAL B 103 -33.47 4.42 -10.96
CA VAL B 103 -32.11 4.92 -11.19
C VAL B 103 -31.43 5.41 -9.93
N ASP B 104 -30.09 5.39 -9.92
CA ASP B 104 -29.28 6.06 -8.90
C ASP B 104 -28.74 7.38 -9.47
N VAL B 105 -28.54 8.37 -8.61
CA VAL B 105 -27.97 9.66 -9.00
C VAL B 105 -27.01 10.03 -7.89
N VAL B 106 -25.72 9.97 -8.16
CA VAL B 106 -24.75 10.07 -7.06
C VAL B 106 -23.39 10.52 -7.56
N GLY B 107 -22.65 11.27 -6.72
CA GLY B 107 -21.19 11.47 -6.94
C GLY B 107 -20.39 10.72 -5.89
N THR B 108 -19.16 10.31 -6.18
CA THR B 108 -18.34 9.64 -5.15
C THR B 108 -17.70 10.65 -4.20
N GLY B 109 -17.55 11.88 -4.67
CA GLY B 109 -16.69 12.84 -4.00
C GLY B 109 -15.26 12.28 -3.95
N GLY B 110 -14.44 12.85 -3.09
CA GLY B 110 -13.03 12.44 -2.95
C GLY B 110 -12.13 13.47 -3.59
N GLY B 112 -11.14 16.48 -2.20
CA GLY B 112 -11.70 17.80 -1.91
C GLY B 112 -12.84 18.23 -2.82
N VAL B 113 -13.39 17.29 -3.60
CA VAL B 113 -14.59 17.57 -4.44
C VAL B 113 -15.82 17.19 -3.63
N ASN B 114 -16.79 18.10 -3.58
CA ASN B 114 -18.10 17.79 -3.00
C ASN B 114 -19.23 18.46 -3.77
N THR B 115 -20.06 17.66 -4.44
CA THR B 115 -21.22 18.19 -5.17
C THR B 115 -22.52 17.61 -4.63
N VAL B 116 -22.55 17.38 -3.32
CA VAL B 116 -23.78 16.89 -2.66
C VAL B 116 -24.94 17.82 -3.01
N ASN B 117 -24.69 19.13 -3.10
CA ASN B 117 -25.68 20.06 -3.58
C ASN B 117 -26.31 19.65 -4.95
N LEU B 118 -25.46 19.44 -5.95
CA LEU B 118 -25.95 19.14 -7.30
C LEU B 118 -26.68 17.78 -7.36
N SER B 119 -26.09 16.77 -6.73
CA SER B 119 -26.57 15.40 -6.79
C SER B 119 -27.95 15.30 -6.13
N THR B 120 -28.11 16.00 -5.00
CA THR B 120 -29.40 16.01 -4.28
C THR B 120 -30.51 16.65 -5.15
N MET B 121 -30.24 17.85 -5.67
CA MET B 121 -31.20 18.55 -6.52
C MET B 121 -31.55 17.73 -7.78
N ALA B 122 -30.53 17.18 -8.42
CA ALA B 122 -30.74 16.38 -9.64
C ALA B 122 -31.60 15.16 -9.32
N ALA B 123 -31.39 14.53 -8.17
CA ALA B 123 -32.18 13.34 -7.81
C ALA B 123 -33.67 13.71 -7.73
N ILE B 124 -33.98 14.84 -7.10
CA ILE B 124 -35.36 15.28 -6.87
C ILE B 124 -36.00 15.62 -8.23
N VAL B 125 -35.23 16.27 -9.09
CA VAL B 125 -35.70 16.61 -10.45
C VAL B 125 -36.02 15.36 -11.29
N VAL B 126 -35.11 14.38 -11.27
CA VAL B 126 -35.31 13.11 -12.00
C VAL B 126 -36.59 12.42 -11.49
N ALA B 127 -36.73 12.27 -10.16
CA ALA B 127 -37.95 11.67 -9.59
C ALA B 127 -39.20 12.44 -10.05
N ALA B 128 -39.13 13.76 -10.08
CA ALA B 128 -40.29 14.60 -10.44
C ALA B 128 -40.63 14.47 -11.91
N ALA B 129 -39.63 14.09 -12.72
CA ALA B 129 -39.82 13.81 -14.14
C ALA B 129 -40.46 12.44 -14.37
N GLY B 130 -40.74 11.70 -13.28
CA GLY B 130 -41.38 10.41 -13.39
C GLY B 130 -40.47 9.20 -13.47
N VAL B 131 -39.18 9.38 -13.19
CA VAL B 131 -38.24 8.27 -13.19
C VAL B 131 -37.96 7.96 -11.70
N PRO B 132 -38.25 6.72 -11.24
CA PRO B 132 -38.08 6.41 -9.82
C PRO B 132 -36.57 6.51 -9.47
N VAL B 133 -36.28 7.16 -8.36
CA VAL B 133 -34.89 7.35 -7.92
C VAL B 133 -34.72 6.58 -6.62
N VAL B 134 -33.66 5.80 -6.51
CA VAL B 134 -33.35 5.22 -5.20
C VAL B 134 -31.88 5.50 -4.86
N LYS B 135 -31.67 6.34 -3.85
CA LYS B 135 -30.31 6.76 -3.50
C LYS B 135 -29.88 6.02 -2.25
N HIS B 136 -28.59 6.12 -1.93
CA HIS B 136 -28.15 5.48 -0.72
C HIS B 136 -26.93 6.21 -0.17
N GLY B 137 -26.75 6.14 1.13
CA GLY B 137 -25.64 6.87 1.75
C GLY B 137 -25.76 7.11 3.24
N ASN B 138 -24.92 8.03 3.73
CA ASN B 138 -24.76 8.25 5.15
C ASN B 138 -24.60 9.73 5.45
N ARG B 139 -24.60 10.08 6.74
CA ARG B 139 -24.35 11.46 7.17
C ARG B 139 -22.89 11.89 6.89
N ALA B 140 -22.66 13.20 6.83
CA ALA B 140 -21.41 13.77 6.30
C ALA B 140 -20.18 13.64 7.19
N ALA B 141 -20.36 13.58 8.50
CA ALA B 141 -19.21 13.57 9.44
C ALA B 141 -18.74 12.15 9.76
N GLY B 146 -22.31 15.41 2.61
CA GLY B 146 -22.45 14.00 2.94
C GLY B 146 -23.50 13.30 2.11
N GLY B 147 -24.60 14.00 1.87
CA GLY B 147 -25.75 13.42 1.18
C GLY B 147 -26.96 13.44 2.10
N ALA B 148 -26.89 12.64 3.16
CA ALA B 148 -27.97 12.49 4.12
C ALA B 148 -28.26 13.74 4.94
N ASP B 149 -27.23 14.49 5.29
CA ASP B 149 -27.41 15.71 6.12
C ASP B 149 -28.15 16.81 5.38
N THR B 150 -27.88 16.95 4.09
CA THR B 150 -28.59 17.91 3.25
C THR B 150 -30.06 17.48 3.18
N LEU B 151 -30.31 16.19 2.94
CA LEU B 151 -31.69 15.67 2.97
C LEU B 151 -32.40 15.99 4.31
N GLU B 152 -31.76 15.68 5.46
CA GLU B 152 -32.36 16.07 6.75
C GLU B 152 -32.56 17.56 6.89
N ALA B 153 -31.60 18.36 6.46
CA ALA B 153 -31.78 19.83 6.51
C ALA B 153 -33.01 20.27 5.70
N LEU B 154 -33.35 19.52 4.64
CA LEU B 154 -34.59 19.74 3.89
C LEU B 154 -35.87 19.21 4.57
N GLY B 155 -35.73 18.45 5.66
CA GLY B 155 -36.89 17.87 6.33
C GLY B 155 -37.17 16.44 5.92
N VAL B 156 -36.35 15.88 5.04
CA VAL B 156 -36.53 14.51 4.62
C VAL B 156 -36.16 13.59 5.77
N ARG B 157 -36.94 12.53 5.94
CA ARG B 157 -36.68 11.52 6.97
C ARG B 157 -35.84 10.38 6.37
N ILE B 158 -34.56 10.40 6.67
CA ILE B 158 -33.56 9.52 6.00
C ILE B 158 -33.46 8.16 6.68
N ASP B 159 -33.76 8.12 7.97
CA ASP B 159 -33.55 6.94 8.79
C ASP B 159 -34.78 6.03 8.76
N LEU B 160 -34.93 5.29 7.65
CA LEU B 160 -36.02 4.35 7.45
C LEU B 160 -35.53 2.95 7.13
N GLY B 161 -36.29 1.97 7.61
CA GLY B 161 -36.06 0.57 7.34
C GLY B 161 -36.49 0.24 5.91
N PRO B 162 -35.97 -0.88 5.38
CA PRO B 162 -36.27 -1.40 4.03
C PRO B 162 -37.74 -1.35 3.61
N ASP B 163 -38.65 -1.81 4.47
CA ASP B 163 -40.09 -1.73 4.13
C ASP B 163 -40.56 -0.31 3.86
N LEU B 164 -40.16 0.63 4.71
CA LEU B 164 -40.61 2.00 4.53
C LEU B 164 -39.92 2.73 3.37
N VAL B 165 -38.67 2.38 3.08
CA VAL B 165 -38.01 2.91 1.87
C VAL B 165 -38.76 2.43 0.62
N ALA B 166 -39.08 1.13 0.56
CA ALA B 166 -39.95 0.57 -0.48
C ALA B 166 -41.28 1.32 -0.63
N ARG B 167 -41.90 1.64 0.50
CA ARG B 167 -43.14 2.41 0.46
C ARG B 167 -42.98 3.85 -0.06
N SER B 168 -41.90 4.51 0.34
CA SER B 168 -41.58 5.82 -0.20
C SER B 168 -41.40 5.74 -1.72
N LEU B 169 -40.64 4.76 -2.19
CA LEU B 169 -40.43 4.61 -3.64
C LEU B 169 -41.77 4.51 -4.36
N ALA B 170 -42.65 3.62 -3.87
CA ALA B 170 -44.00 3.43 -4.44
C ALA B 170 -44.86 4.71 -4.36
N GLU B 171 -44.90 5.35 -3.20
CA GLU B 171 -45.83 6.42 -2.97
C GLU B 171 -45.32 7.81 -3.36
N VAL B 172 -44.01 8.04 -3.25
CA VAL B 172 -43.46 9.37 -3.52
C VAL B 172 -42.72 9.34 -4.86
N GLY B 173 -42.12 8.20 -5.18
CA GLY B 173 -41.31 8.04 -6.41
C GLY B 173 -39.83 8.22 -6.20
N ILE B 174 -39.42 8.29 -4.92
CA ILE B 174 -38.00 8.34 -4.56
C ILE B 174 -37.85 7.70 -3.16
N GLY B 175 -36.69 7.11 -2.90
CA GLY B 175 -36.39 6.42 -1.63
C GLY B 175 -34.92 6.71 -1.30
N PHE B 176 -34.57 6.63 -0.02
CA PHE B 176 -33.19 6.81 0.38
C PHE B 176 -32.82 5.69 1.34
N CYS B 177 -31.79 4.93 0.97
CA CYS B 177 -31.28 3.83 1.77
C CYS B 177 -30.17 4.31 2.69
N PHE B 178 -30.54 4.54 3.94
CA PHE B 178 -29.59 5.02 4.95
C PHE B 178 -28.56 3.91 5.33
N ALA B 179 -27.29 4.16 5.03
CA ALA B 179 -26.24 3.15 5.22
C ALA B 179 -26.32 2.40 6.55
N PRO B 180 -26.36 3.13 7.70
CA PRO B 180 -26.43 2.42 8.99
C PRO B 180 -27.57 1.41 9.09
N ARG B 181 -28.70 1.71 8.47
CA ARG B 181 -29.86 0.83 8.47
C ARG B 181 -29.74 -0.38 7.52
N PHE B 182 -28.89 -0.30 6.51
CA PHE B 182 -28.89 -1.30 5.44
C PHE B 182 -27.62 -2.14 5.41
N HIS B 183 -26.51 -1.48 5.72
CA HIS B 183 -25.17 -2.09 5.74
C HIS B 183 -24.68 -2.17 7.21
N PRO B 184 -25.33 -2.97 8.08
CA PRO B 184 -24.91 -3.02 9.49
C PRO B 184 -23.50 -3.54 9.64
N SER B 185 -23.43 -3.90 9.21
CA SER B 185 -22.34 -4.81 8.96
C SER B 185 -21.11 -4.09 8.43
N ALA B 190 -15.19 -2.60 10.30
CA ALA B 190 -14.44 -1.51 9.70
C ALA B 190 -14.75 -0.14 10.32
N ALA B 191 -14.69 -0.06 11.66
CA ALA B 191 -14.46 1.19 12.39
C ALA B 191 -13.00 1.58 12.50
N VAL B 192 -12.17 0.98 11.67
CA VAL B 192 -10.75 1.27 11.69
C VAL B 192 -10.52 2.63 11.04
N ARG B 193 -11.55 3.13 10.38
CA ARG B 193 -11.51 4.42 9.73
C ARG B 193 -11.38 5.55 10.75
N ARG B 194 -11.94 5.36 11.92
CA ARG B 194 -11.52 6.11 13.08
C ARG B 194 -10.05 5.85 13.36
N GLU B 195 -9.66 4.59 13.30
CA GLU B 195 -8.32 4.19 13.69
C GLU B 195 -7.27 5.03 12.95
N ILE B 196 -7.45 5.19 11.64
CA ILE B 196 -6.39 5.67 10.78
C ILE B 196 -6.65 7.05 10.20
N GLY B 197 -7.88 7.53 10.34
CA GLY B 197 -8.22 8.94 10.12
C GLY B 197 -8.14 9.46 8.70
N VAL B 198 -8.14 8.56 7.73
CA VAL B 198 -8.10 8.96 6.34
C VAL B 198 -9.09 8.09 5.55
N PRO B 199 -9.70 8.65 4.51
CA PRO B 199 -10.57 7.80 3.71
C PRO B 199 -9.76 6.81 2.88
N THR B 200 -10.43 5.71 2.53
CA THR B 200 -9.82 4.67 1.72
C THR B 200 -10.73 4.35 0.53
N VAL B 201 -10.26 3.46 -0.35
CA VAL B 201 -11.10 2.93 -1.42
C VAL B 201 -12.50 2.46 -0.96
N PHE B 202 -12.60 1.95 0.28
CA PHE B 202 -13.90 1.47 0.78
C PHE B 202 -14.94 2.58 0.75
N ASN B 203 -14.50 3.82 1.02
CA ASN B 203 -15.37 5.00 0.99
C ASN B 203 -15.73 5.45 -0.41
N LEU B 204 -15.19 4.81 -1.45
CA LEU B 204 -15.49 5.21 -2.82
C LEU B 204 -16.40 4.23 -3.58
N LEU B 205 -16.85 3.18 -2.91
CA LEU B 205 -17.60 2.14 -3.58
C LEU B 205 -19.14 2.25 -3.48
N GLY B 206 -19.61 3.31 -2.83
CA GLY B 206 -21.06 3.61 -2.75
C GLY B 206 -21.90 3.33 -3.98
N PRO B 207 -21.50 3.87 -5.17
CA PRO B 207 -22.27 3.60 -6.40
C PRO B 207 -22.48 2.12 -6.72
N LEU B 208 -21.55 1.25 -6.29
CA LEU B 208 -21.63 -0.17 -6.56
C LEU B 208 -22.27 -1.00 -5.45
N THR B 209 -22.66 -0.31 -4.39
CA THR B 209 -23.17 -0.99 -3.19
C THR B 209 -24.58 -0.48 -2.76
N ASN B 210 -25.31 0.06 -3.72
CA ASN B 210 -26.68 0.49 -3.48
C ASN B 210 -27.55 -0.76 -3.22
N PRO B 211 -28.13 -0.85 -2.01
CA PRO B 211 -28.91 -2.06 -1.62
C PRO B 211 -30.13 -2.31 -2.48
N ALA B 212 -30.68 -1.24 -3.06
CA ALA B 212 -31.84 -1.34 -3.96
C ALA B 212 -31.44 -1.82 -5.34
N ARG B 213 -30.13 -1.90 -5.62
CA ARG B 213 -29.58 -2.42 -6.88
C ARG B 213 -30.25 -1.83 -8.14
N PRO B 214 -30.38 -0.49 -8.23
CA PRO B 214 -30.99 0.03 -9.45
C PRO B 214 -30.12 -0.34 -10.67
N ARG B 215 -30.76 -0.61 -11.79
CA ARG B 215 -30.06 -1.07 -12.99
C ARG B 215 -29.56 0.11 -13.88
N ALA B 216 -29.87 1.34 -13.49
CA ALA B 216 -29.45 2.51 -14.26
C ALA B 216 -29.00 3.59 -13.33
N GLY B 217 -28.35 4.58 -13.90
CA GLY B 217 -27.87 5.68 -13.06
C GLY B 217 -26.94 6.67 -13.73
N LEU B 218 -26.80 7.82 -13.07
CA LEU B 218 -25.80 8.80 -13.42
C LEU B 218 -24.79 8.75 -12.24
N ILE B 219 -23.54 8.40 -12.52
CA ILE B 219 -22.58 8.19 -11.43
C ILE B 219 -21.38 9.11 -11.61
N GLY B 220 -21.24 10.10 -10.76
CA GLY B 220 -20.10 11.04 -10.87
C GLY B 220 -18.92 10.44 -10.13
N CYS B 221 -17.73 10.54 -10.68
CA CYS B 221 -16.53 10.04 -9.99
C CYS B 221 -15.39 11.04 -10.11
N ALA B 222 -14.77 11.40 -8.97
CA ALA B 222 -13.69 12.40 -8.99
C ALA B 222 -12.35 11.84 -9.46
N PHE B 223 -12.21 10.53 -9.52
CA PHE B 223 -10.96 9.94 -9.97
C PHE B 223 -11.19 9.19 -11.26
N ALA B 224 -10.53 9.66 -12.32
CA ALA B 224 -10.66 9.03 -13.63
C ALA B 224 -10.31 7.54 -13.69
N ASP B 225 -9.29 7.10 -12.95
CA ASP B 225 -8.90 5.69 -13.01
C ASP B 225 -10.00 4.82 -12.42
N LEU B 226 -10.54 5.25 -11.29
CA LEU B 226 -11.63 4.50 -10.66
C LEU B 226 -12.94 4.63 -11.45
N ALA B 227 -13.18 5.78 -12.07
CA ALA B 227 -14.37 5.93 -12.93
C ALA B 227 -14.42 4.85 -14.03
N GLU B 228 -13.29 4.64 -14.71
CA GLU B 228 -13.21 3.64 -15.76
C GLU B 228 -13.41 2.21 -15.25
N VAL B 229 -12.81 1.93 -14.10
CA VAL B 229 -13.01 0.64 -13.41
C VAL B 229 -14.47 0.42 -13.04
N MET B 230 -15.09 1.42 -12.43
CA MET B 230 -16.51 1.38 -12.03
C MET B 230 -17.39 1.12 -13.26
N ALA B 231 -17.10 1.82 -14.34
CA ALA B 231 -17.77 1.59 -15.61
C ALA B 231 -17.69 0.13 -16.03
N GLY B 232 -16.50 -0.49 -15.90
CA GLY B 232 -16.36 -1.91 -16.24
C GLY B 232 -17.19 -2.82 -15.33
N VAL B 233 -17.31 -2.44 -14.06
CA VAL B 233 -18.16 -3.27 -13.15
C VAL B 233 -19.63 -3.18 -13.56
N PHE B 234 -20.13 -1.96 -13.75
CA PHE B 234 -21.51 -1.76 -14.23
C PHE B 234 -21.80 -2.47 -15.56
N ALA B 235 -20.81 -2.47 -16.45
CA ALA B 235 -20.98 -3.21 -17.71
C ALA B 235 -21.14 -4.71 -17.41
N ALA B 236 -20.34 -5.24 -16.47
CA ALA B 236 -20.44 -6.67 -16.13
C ALA B 236 -21.81 -7.00 -15.55
N ARG B 237 -22.45 -6.03 -14.89
CA ARG B 237 -23.81 -6.19 -14.31
C ARG B 237 -24.93 -5.94 -15.32
N ARG B 238 -24.56 -5.60 -16.56
CA ARG B 238 -25.51 -5.15 -17.61
C ARG B 238 -26.38 -3.95 -17.21
N SER B 239 -25.78 -2.96 -16.54
CA SER B 239 -26.50 -1.76 -16.16
C SER B 239 -26.47 -0.78 -17.31
N SER B 240 -27.39 0.16 -17.28
CA SER B 240 -27.35 1.32 -18.18
C SER B 240 -26.97 2.53 -17.35
N VAL B 241 -25.69 2.88 -17.42
CA VAL B 241 -25.18 3.96 -16.59
C VAL B 241 -24.31 4.90 -17.39
N LEU B 242 -24.32 6.16 -16.98
CA LEU B 242 -23.29 7.08 -17.43
C LEU B 242 -22.39 7.36 -16.26
N VAL B 243 -21.12 6.95 -16.40
CA VAL B 243 -20.14 7.32 -15.36
C VAL B 243 -19.49 8.59 -15.84
N VAL B 244 -19.53 9.61 -14.99
CA VAL B 244 -19.15 10.98 -15.45
C VAL B 244 -18.02 11.63 -14.65
N HIS B 245 -17.18 12.37 -15.37
CA HIS B 245 -16.09 13.06 -14.71
C HIS B 245 -15.83 14.34 -15.47
N GLY B 246 -16.02 15.49 -14.81
CA GLY B 246 -15.80 16.79 -15.44
C GLY B 246 -14.34 16.91 -15.80
N ASP B 247 -14.02 17.49 -16.96
CA ASP B 247 -12.60 17.68 -17.32
C ASP B 247 -11.92 18.78 -16.49
N ASP B 248 -12.71 19.39 -15.61
CA ASP B 248 -12.21 20.25 -14.53
C ASP B 248 -12.04 19.52 -13.19
N GLY B 249 -12.24 18.20 -13.16
CA GLY B 249 -12.08 17.40 -11.94
C GLY B 249 -13.37 17.14 -11.15
N LEU B 250 -14.47 17.82 -11.55
CA LEU B 250 -15.78 17.62 -10.88
C LEU B 250 -16.28 16.17 -10.93
N ASP B 251 -16.92 15.71 -9.84
CA ASP B 251 -17.53 14.38 -9.87
C ASP B 251 -18.99 14.44 -10.30
N GLU B 252 -19.26 15.31 -11.26
CA GLU B 252 -20.56 15.39 -11.94
C GLU B 252 -20.24 15.83 -13.37
N LEU B 253 -21.25 15.83 -14.24
CA LEU B 253 -21.15 16.59 -15.49
C LEU B 253 -21.01 18.09 -15.16
N THR B 254 -19.96 18.71 -15.67
CA THR B 254 -19.71 20.10 -15.36
C THR B 254 -20.32 21.04 -16.43
N THR B 255 -20.45 22.32 -16.09
CA THR B 255 -20.79 23.35 -17.04
C THR B 255 -19.59 24.30 -17.27
N THR B 256 -18.45 24.04 -16.65
CA THR B 256 -17.27 24.94 -16.83
C THR B 256 -16.41 24.61 -18.05
N THR B 257 -16.62 23.43 -18.58
CA THR B 257 -15.79 22.86 -19.65
C THR B 257 -16.45 21.56 -20.12
N THR B 258 -15.70 20.75 -20.88
CA THR B 258 -16.20 19.44 -21.30
C THR B 258 -16.12 18.42 -20.15
N SER B 259 -16.80 17.28 -20.31
CA SER B 259 -16.68 16.17 -19.36
C SER B 259 -16.36 14.91 -20.14
N THR B 260 -15.77 13.97 -19.41
CA THR B 260 -15.58 12.62 -19.90
C THR B 260 -16.74 11.77 -19.40
N ILE B 261 -17.29 10.97 -20.31
CA ILE B 261 -18.35 10.06 -19.93
C ILE B 261 -17.92 8.65 -20.34
N TRP B 262 -18.01 7.71 -19.41
CA TRP B 262 -18.00 6.30 -19.75
C TRP B 262 -19.45 5.85 -19.89
N ARG B 263 -19.89 5.66 -21.13
CA ARG B 263 -21.27 5.29 -21.42
CA ARG B 263 -21.26 5.29 -21.41
C ARG B 263 -21.35 3.76 -21.39
N VAL B 264 -22.13 3.24 -20.47
CA VAL B 264 -22.26 1.79 -20.29
C VAL B 264 -23.63 1.39 -20.80
N ALA B 265 -23.64 0.46 -21.75
CA ALA B 265 -24.89 -0.03 -22.34
C ALA B 265 -24.57 -1.39 -22.98
N ALA B 266 -25.55 -2.28 -22.94
CA ALA B 266 -25.43 -3.64 -23.50
C ALA B 266 -24.13 -4.37 -23.13
N GLY B 267 -23.73 -4.29 -21.86
CA GLY B 267 -22.51 -4.94 -21.38
C GLY B 267 -21.17 -4.37 -21.82
N SER B 268 -21.19 -3.18 -22.39
CA SER B 268 -19.95 -2.58 -22.86
C SER B 268 -19.79 -1.11 -22.51
N VAL B 269 -18.54 -0.65 -22.55
CA VAL B 269 -18.16 0.73 -22.20
C VAL B 269 -17.62 1.49 -23.43
N ASP B 270 -18.15 2.69 -23.63
CA ASP B 270 -17.63 3.62 -24.64
CA ASP B 270 -17.66 3.61 -24.64
C ASP B 270 -17.23 4.89 -23.90
N LYS B 271 -15.99 5.31 -24.07
CA LYS B 271 -15.52 6.55 -23.47
C LYS B 271 -15.65 7.70 -24.48
N LEU B 272 -16.25 8.80 -24.04
CA LEU B 272 -16.43 9.94 -24.93
C LEU B 272 -16.32 11.25 -24.19
N THR B 273 -16.35 12.34 -24.97
CA THR B 273 -16.33 13.68 -24.45
C THR B 273 -17.72 14.29 -24.63
N PHE B 274 -18.13 15.07 -23.64
CA PHE B 274 -19.41 15.73 -23.66
C PHE B 274 -19.21 17.24 -23.52
N ASP B 275 -19.80 18.01 -24.42
CA ASP B 275 -19.75 19.44 -24.35
C ASP B 275 -21.16 19.99 -24.15
N PRO B 276 -21.44 20.51 -22.94
CA PRO B 276 -22.78 21.03 -22.69
C PRO B 276 -23.13 22.27 -23.53
N ALA B 277 -22.15 22.94 -24.16
CA ALA B 277 -22.48 24.10 -25.02
C ALA B 277 -23.29 23.63 -26.18
N GLY B 278 -23.14 22.35 -26.55
CA GLY B 278 -23.96 21.69 -27.58
C GLY B 278 -25.44 21.67 -27.33
N PHE B 279 -25.83 21.98 -26.09
CA PHE B 279 -27.25 22.07 -25.69
C PHE B 279 -27.60 23.47 -25.18
N GLY B 280 -26.74 24.42 -25.48
CA GLY B 280 -27.02 25.81 -25.20
C GLY B 280 -26.56 26.29 -23.83
N PHE B 281 -25.79 25.46 -23.10
CA PHE B 281 -25.36 25.85 -21.76
C PHE B 281 -24.14 26.74 -21.79
N ALA B 282 -24.27 27.92 -21.18
CA ALA B 282 -23.16 28.84 -21.01
C ALA B 282 -22.03 28.21 -20.16
N ARG B 283 -20.80 28.53 -20.54
CA ARG B 283 -19.64 28.17 -19.73
C ARG B 283 -19.68 28.90 -18.40
N ALA B 284 -19.62 28.15 -17.30
CA ALA B 284 -19.60 28.71 -15.93
C ALA B 284 -18.20 28.62 -15.30
N GLN B 285 -18.05 29.19 -14.11
CA GLN B 285 -16.81 29.12 -13.34
C GLN B 285 -16.99 28.10 -12.23
N LEU B 286 -15.92 27.40 -11.88
CA LEU B 286 -15.98 26.33 -10.89
C LEU B 286 -16.56 26.80 -9.55
N ASP B 287 -16.15 27.97 -9.10
CA ASP B 287 -16.62 28.47 -7.80
C ASP B 287 -18.14 28.79 -7.73
N GLN B 288 -18.80 28.89 -8.88
CA GLN B 288 -20.24 29.18 -8.95
C GLN B 288 -21.11 27.95 -8.65
N LEU B 289 -20.48 26.78 -8.73
CA LEU B 289 -21.14 25.50 -8.60
C LEU B 289 -20.90 24.88 -7.23
N ALA B 290 -20.07 25.54 -6.42
CA ALA B 290 -19.62 25.00 -5.13
C ALA B 290 -20.76 24.79 -4.12
N GLY B 291 -20.75 23.64 -3.45
CA GLY B 291 -21.68 23.37 -2.33
C GLY B 291 -21.28 24.06 -1.04
N GLY B 292 -22.04 23.88 0.02
CA GLY B 292 -21.68 24.39 1.35
C GLY B 292 -21.97 23.35 2.42
N ASP B 293 -22.36 23.82 3.59
CA ASP B 293 -22.82 22.90 4.63
C ASP B 293 -24.29 22.50 4.38
N ALA B 294 -24.83 21.66 5.25
CA ALA B 294 -26.18 21.12 5.07
C ALA B 294 -27.23 22.23 4.90
N GLN B 295 -27.11 23.32 5.66
CA GLN B 295 -28.07 24.42 5.62
C GLN B 295 -27.90 25.29 4.37
N ALA B 296 -26.64 25.49 3.95
CA ALA B 296 -26.36 26.24 2.71
C ALA B 296 -26.94 25.49 1.51
N ASN B 297 -26.69 24.18 1.48
CA ASN B 297 -27.22 23.28 0.44
C ASN B 297 -28.73 23.30 0.41
N ALA B 298 -29.36 23.21 1.58
CA ALA B 298 -30.82 23.20 1.65
C ALA B 298 -31.46 24.49 1.09
N ALA B 299 -30.81 25.63 1.32
CA ALA B 299 -31.30 26.91 0.81
C ALA B 299 -31.22 26.96 -0.73
N ALA B 300 -30.12 26.47 -1.28
CA ALA B 300 -29.93 26.42 -2.74
C ALA B 300 -30.98 25.50 -3.38
N VAL B 301 -31.25 24.36 -2.74
CA VAL B 301 -32.23 23.41 -3.26
C VAL B 301 -33.56 24.16 -3.39
N ARG B 302 -33.94 24.88 -2.34
CA ARG B 302 -35.19 25.64 -2.39
C ARG B 302 -35.18 26.78 -3.44
N ALA B 303 -34.06 27.45 -3.61
CA ALA B 303 -33.92 28.43 -4.66
C ALA B 303 -34.15 27.79 -6.05
N VAL B 304 -33.45 26.70 -6.31
CA VAL B 304 -33.44 26.09 -7.64
C VAL B 304 -34.81 25.48 -7.97
N LEU B 305 -35.37 24.77 -6.99
CA LEU B 305 -36.68 24.14 -7.15
C LEU B 305 -37.78 25.18 -7.30
N GLY B 306 -37.55 26.37 -6.73
CA GLY B 306 -38.50 27.46 -6.82
C GLY B 306 -38.32 28.24 -8.12
N GLY B 307 -37.31 27.88 -8.91
CA GLY B 307 -37.16 28.44 -10.27
C GLY B 307 -36.01 29.41 -10.48
N ALA B 308 -35.11 29.56 -9.50
CA ALA B 308 -33.98 30.49 -9.69
C ALA B 308 -33.08 30.00 -10.81
N ARG B 309 -32.68 30.93 -11.67
CA ARG B 309 -31.89 30.55 -12.84
C ARG B 309 -30.43 30.90 -12.60
N GLY B 310 -29.52 30.22 -13.27
CA GLY B 310 -28.12 30.50 -13.08
C GLY B 310 -27.29 29.24 -13.23
N PRO B 311 -25.98 29.34 -12.93
CA PRO B 311 -25.08 28.20 -13.10
C PRO B 311 -25.50 26.97 -12.31
N VAL B 312 -26.08 27.14 -11.13
CA VAL B 312 -26.46 25.97 -10.34
C VAL B 312 -27.62 25.20 -10.96
N ARG B 313 -28.66 25.91 -11.34
CA ARG B 313 -29.76 25.28 -12.03
C ARG B 313 -29.24 24.57 -13.27
N ASP B 314 -28.40 25.25 -14.06
CA ASP B 314 -27.89 24.64 -15.28
C ASP B 314 -27.26 23.28 -15.01
N ALA B 315 -26.36 23.24 -14.01
CA ALA B 315 -25.67 22.01 -13.68
C ALA B 315 -26.63 20.93 -13.18
N VAL B 316 -27.67 21.32 -12.43
CA VAL B 316 -28.71 20.37 -11.96
C VAL B 316 -29.49 19.73 -13.14
N VAL B 317 -29.97 20.56 -14.06
CA VAL B 317 -30.70 20.11 -15.24
C VAL B 317 -29.81 19.17 -16.09
N LEU B 318 -28.56 19.55 -16.29
CA LEU B 318 -27.64 18.69 -17.05
C LEU B 318 -27.48 17.28 -16.44
N ASN B 319 -27.23 17.23 -15.14
CA ASN B 319 -27.05 15.94 -14.48
C ASN B 319 -28.36 15.13 -14.35
N ALA B 320 -29.47 15.82 -14.08
CA ALA B 320 -30.78 15.16 -14.14
C ALA B 320 -31.01 14.58 -15.54
N ALA B 321 -30.69 15.36 -16.55
CA ALA B 321 -30.86 14.86 -17.94
C ALA B 321 -29.98 13.64 -18.19
N GLY B 322 -28.74 13.67 -17.68
CA GLY B 322 -27.86 12.53 -17.78
C GLY B 322 -28.44 11.26 -17.14
N ALA B 323 -29.07 11.40 -15.97
CA ALA B 323 -29.75 10.25 -15.37
C ALA B 323 -30.93 9.74 -16.20
N ILE B 324 -31.69 10.68 -16.78
CA ILE B 324 -32.81 10.31 -17.61
C ILE B 324 -32.31 9.59 -18.91
N VAL B 325 -31.22 10.07 -19.50
CA VAL B 325 -30.56 9.35 -20.61
C VAL B 325 -30.17 7.91 -20.23
N ALA B 326 -29.56 7.73 -19.04
CA ALA B 326 -29.20 6.39 -18.60
C ALA B 326 -30.48 5.56 -18.47
N HIS B 327 -31.53 6.16 -17.92
CA HIS B 327 -32.82 5.44 -17.77
C HIS B 327 -33.34 5.01 -19.14
N ALA B 328 -33.28 5.91 -20.11
CA ALA B 328 -33.75 5.61 -21.47
C ALA B 328 -32.99 4.40 -22.03
N GLY B 329 -31.72 4.28 -21.64
CA GLY B 329 -30.84 3.21 -22.09
C GLY B 329 -31.22 1.80 -21.65
N LEU B 330 -32.12 1.69 -20.67
CA LEU B 330 -32.58 0.40 -20.19
C LEU B 330 -33.46 -0.29 -21.22
N SER B 331 -34.26 0.50 -21.93
CA SER B 331 -35.32 0.03 -22.81
C SER B 331 -34.91 -0.18 -24.28
N SER B 332 -34.03 0.67 -24.78
CA SER B 332 -33.62 0.53 -26.18
C SER B 332 -32.40 -0.37 -26.32
N ALA B 334 -31.38 3.65 -28.49
CA ALA B 334 -31.73 5.07 -28.27
C ALA B 334 -30.59 6.00 -28.71
N GLU B 335 -30.88 6.88 -29.66
CA GLU B 335 -29.84 7.71 -30.22
C GLU B 335 -29.43 8.78 -29.21
N TRP B 336 -28.13 8.98 -29.10
CA TRP B 336 -27.52 9.79 -28.07
C TRP B 336 -28.03 11.24 -28.02
N LEU B 337 -27.94 11.97 -29.14
CA LEU B 337 -28.34 13.38 -29.13
C LEU B 337 -29.84 13.59 -28.85
N PRO B 338 -30.75 12.85 -29.53
CA PRO B 338 -32.16 12.90 -29.19
C PRO B 338 -32.49 12.48 -27.74
N ALA B 339 -31.80 11.47 -27.21
CA ALA B 339 -32.00 11.11 -25.80
C ALA B 339 -31.69 12.29 -24.87
N TRP B 340 -30.57 12.95 -25.16
CA TRP B 340 -30.19 14.16 -24.43
C TRP B 340 -31.22 15.29 -24.55
N GLU B 341 -31.67 15.56 -25.77
CA GLU B 341 -32.69 16.61 -25.91
C GLU B 341 -33.96 16.31 -25.12
N GLU B 342 -34.37 15.05 -25.11
CA GLU B 342 -35.54 14.61 -24.34
C GLU B 342 -35.29 14.65 -22.82
N GLY B 343 -34.13 14.12 -22.39
CA GLY B 343 -33.70 14.25 -20.98
C GLY B 343 -33.72 15.69 -20.48
N LEU B 344 -33.21 16.61 -21.31
CA LEU B 344 -33.15 18.02 -20.90
C LEU B 344 -34.52 18.66 -20.89
N ARG B 345 -35.37 18.27 -21.84
CA ARG B 345 -36.75 18.75 -21.87
C ARG B 345 -37.46 18.33 -20.57
N ARG B 346 -37.33 17.04 -20.22
CA ARG B 346 -38.02 16.47 -19.05
C ARG B 346 -37.49 17.06 -17.74
N ALA B 347 -36.18 17.15 -17.62
CA ALA B 347 -35.56 17.83 -16.48
C ALA B 347 -36.01 19.28 -16.29
N SER B 348 -35.93 20.10 -17.34
CA SER B 348 -36.36 21.49 -17.28
C SER B 348 -37.84 21.59 -16.91
N ALA B 349 -38.68 20.76 -17.53
CA ALA B 349 -40.12 20.75 -17.22
C ALA B 349 -40.42 20.37 -15.78
N ALA B 350 -39.75 19.35 -15.26
CA ALA B 350 -39.89 18.98 -13.84
C ALA B 350 -39.74 20.20 -12.94
N ILE B 351 -38.75 21.05 -13.22
CA ILE B 351 -38.57 22.26 -12.40
C ILE B 351 -39.67 23.26 -12.74
N ASP B 352 -39.75 23.62 -14.02
CA ASP B 352 -40.60 24.75 -14.46
C ASP B 352 -42.08 24.55 -14.25
N THR B 353 -42.56 23.30 -14.25
CA THR B 353 -43.97 23.04 -13.92
C THR B 353 -44.26 23.12 -12.40
N GLY B 354 -43.22 23.26 -11.61
CA GLY B 354 -43.31 23.10 -10.14
C GLY B 354 -43.34 21.65 -9.66
N ALA B 355 -43.21 20.68 -10.60
CA ALA B 355 -43.27 19.27 -10.20
C ALA B 355 -42.18 18.90 -9.19
N ALA B 356 -41.01 19.51 -9.34
CA ALA B 356 -39.88 19.17 -8.48
C ALA B 356 -40.10 19.70 -7.07
N GLU B 357 -40.45 20.98 -6.98
CA GLU B 357 -40.75 21.61 -5.68
C GLU B 357 -41.83 20.84 -4.91
N GLN B 358 -42.83 20.39 -5.65
CA GLN B 358 -43.92 19.65 -5.07
C GLN B 358 -43.53 18.22 -4.72
N LEU B 359 -42.63 17.59 -5.52
CA LEU B 359 -42.13 16.26 -5.14
C LEU B 359 -41.39 16.33 -3.79
N LEU B 360 -40.53 17.33 -3.62
CA LEU B 360 -39.87 17.48 -2.36
C LEU B 360 -40.91 17.61 -1.21
N ALA B 361 -41.95 18.43 -1.40
CA ALA B 361 -43.00 18.60 -0.38
C ALA B 361 -43.68 17.29 -0.05
N ARG B 362 -44.06 16.52 -1.08
CA ARG B 362 -44.59 15.20 -0.86
C ARG B 362 -43.62 14.25 -0.13
N TRP B 363 -42.32 14.33 -0.45
CA TRP B 363 -41.31 13.52 0.21
C TRP B 363 -41.20 13.84 1.72
N VAL B 364 -41.14 15.13 2.05
CA VAL B 364 -41.18 15.60 3.46
C VAL B 364 -42.46 15.14 4.17
N ARG B 365 -43.61 15.35 3.52
CA ARG B 365 -44.93 14.87 3.97
C ARG B 365 -44.96 13.37 4.29
N PHE B 366 -44.41 12.55 3.41
CA PHE B 366 -44.35 11.10 3.64
C PHE B 366 -43.67 10.78 4.98
N GLY B 367 -42.50 11.36 5.21
CA GLY B 367 -41.73 11.03 6.44
C GLY B 367 -42.44 11.51 7.71
N ARG B 368 -43.24 12.56 7.58
CA ARG B 368 -43.95 13.15 8.74
C ARG B 368 -45.25 12.44 9.12
N GLN B 369 -45.66 11.51 8.29
CA GLN B 369 -46.79 10.65 8.53
C GLN B 369 -46.49 9.69 9.68
N ILE B 370 -47.55 9.13 10.23
CA ILE B 370 -47.42 8.08 11.21
C ILE B 370 -47.26 6.78 10.43
N LEU B 371 -46.01 6.39 10.19
CA LEU B 371 -45.70 5.27 9.29
C LEU B 371 -45.55 4.02 10.13
N ALA B 372 -46.35 3.00 9.86
CA ALA B 372 -46.36 1.79 10.67
C ALA B 372 -45.83 0.59 9.87
N ALA B 373 -45.11 -0.30 10.56
CA ALA B 373 -44.55 -1.53 9.98
C ALA B 373 -45.66 -2.54 9.70
#